data_4C9M
#
_entry.id   4C9M
#
_cell.length_a   151.520
_cell.length_b   151.520
_cell.length_c   195.682
_cell.angle_alpha   90.00
_cell.angle_beta   90.00
_cell.angle_gamma   120.00
#
_symmetry.space_group_name_H-M   'P 64 2 2'
#
loop_
_entity.id
_entity.type
_entity.pdbx_description
1 polymer 'CYTOCHROME P450'
2 non-polymer 'PROTOPORPHYRIN IX CONTAINING FE'
3 non-polymer GLYCEROL
4 water water
#
_entity_poly.entity_id   1
_entity_poly.type   'polypeptide(L)'
_entity_poly.pdbx_seq_one_letter_code
;MNAQTSTATQKHRVAPPPHVPGHLIREIDAYDLDGLEQGFHEAWKRVQQPDTPPLVWTPFTGGHWIATRGTLIDEIYRSP
ERFSSRVIWVPREAGEAYDMVPTKLDPPEHTPYRKAIDKGLNLAEIRKLEDQIRTIAVEIIEGFADRGHCEFGSEFSTVF
PVRVFLALAGLPVEDATKLGLLANEMTRPSGNTPEEQGRSLEAANKGFFEYVAPIIAARRGGSGTDLITRILNVEIDGKP
MPDDRALGLVSLLLLGGLDTVVNFLGFMMIYLSRHPETVAEMRREPLKLQRGVEELFRRFAVVSDARYVVSDMEFHGTML
KEGDLILLPTALHGLDDRHHDDPMTVDLSRRDVTHSTFAQGPHRCAGMHLARLEVTVMLQEWLARIPEFRLKDRAVPIYH
SGIVAAVENIPLEWEPQRVSA
;
_entity_poly.pdbx_strand_id   A,B
#
# COMPACT_ATOMS: atom_id res chain seq x y z
N GLN A 10 -16.32 9.32 31.72
CA GLN A 10 -16.77 10.31 30.73
C GLN A 10 -15.76 10.38 29.59
N LYS A 11 -16.24 10.36 28.36
CA LYS A 11 -15.41 10.41 27.18
C LYS A 11 -15.26 11.86 26.69
N HIS A 12 -14.02 12.28 26.47
CA HIS A 12 -13.72 13.63 26.00
C HIS A 12 -13.71 13.63 24.48
N ARG A 13 -14.54 14.51 23.88
CA ARG A 13 -14.66 14.63 22.44
C ARG A 13 -14.26 16.05 22.03
N VAL A 14 -13.62 16.14 20.88
CA VAL A 14 -13.46 17.42 20.22
C VAL A 14 -14.32 17.42 18.95
N ALA A 15 -14.75 18.59 18.50
CA ALA A 15 -15.52 18.68 17.26
C ALA A 15 -14.63 18.50 16.05
N PRO A 16 -15.16 17.85 15.00
CA PRO A 16 -14.35 17.70 13.80
C PRO A 16 -14.08 19.04 13.13
N PRO A 17 -12.87 19.19 12.60
CA PRO A 17 -12.61 20.39 11.80
C PRO A 17 -13.37 20.39 10.48
N PRO A 18 -13.48 21.57 9.86
CA PRO A 18 -14.29 21.72 8.65
C PRO A 18 -13.96 20.72 7.53
N HIS A 19 -12.69 20.31 7.39
CA HIS A 19 -12.32 19.45 6.27
C HIS A 19 -12.60 17.97 6.48
N VAL A 20 -13.00 17.59 7.69
CA VAL A 20 -13.33 16.20 8.00
C VAL A 20 -14.83 15.95 7.78
N PRO A 21 -15.18 15.10 6.80
CA PRO A 21 -16.58 14.85 6.52
C PRO A 21 -17.16 13.84 7.50
N GLY A 22 -18.44 13.98 7.82
CA GLY A 22 -19.07 13.09 8.77
C GLY A 22 -18.94 11.62 8.44
N HIS A 23 -18.93 11.28 7.16
CA HIS A 23 -18.90 9.88 6.79
C HIS A 23 -17.57 9.19 7.15
N LEU A 24 -16.54 9.97 7.46
CA LEU A 24 -15.26 9.40 7.84
C LEU A 24 -15.03 9.34 9.35
N ILE A 25 -16.00 9.80 10.14
CA ILE A 25 -15.83 9.85 11.59
C ILE A 25 -16.10 8.47 12.18
N ARG A 26 -15.18 8.02 13.04
CA ARG A 26 -15.34 6.78 13.77
C ARG A 26 -14.87 7.01 15.20
N GLU A 27 -15.65 6.54 16.16
CA GLU A 27 -15.34 6.76 17.57
C GLU A 27 -14.40 5.68 18.06
N ILE A 28 -13.12 5.94 17.88
CA ILE A 28 -12.05 4.99 18.20
C ILE A 28 -11.15 5.62 19.26
N ASP A 29 -11.03 4.92 20.39
CA ASP A 29 -10.20 5.38 21.50
C ASP A 29 -8.93 4.55 21.59
N ALA A 30 -7.82 5.09 21.09
CA ALA A 30 -6.56 4.35 21.08
C ALA A 30 -6.10 3.93 22.47
N TYR A 31 -6.53 4.68 23.50
CA TYR A 31 -6.09 4.41 24.87
C TYR A 31 -7.02 3.50 25.66
N ASP A 32 -8.13 3.09 25.03
CA ASP A 32 -9.11 2.19 25.63
C ASP A 32 -10.00 1.62 24.55
N LEU A 33 -9.43 0.81 23.65
CA LEU A 33 -10.16 0.36 22.49
C LEU A 33 -11.41 -0.43 22.83
N ASP A 34 -12.46 -0.18 22.06
CA ASP A 34 -13.63 -1.04 22.13
C ASP A 34 -13.21 -2.48 21.88
N GLY A 35 -13.62 -3.37 22.79
CA GLY A 35 -13.32 -4.79 22.66
C GLY A 35 -11.97 -5.22 23.18
N LEU A 36 -11.30 -4.31 23.89
CA LEU A 36 -9.93 -4.55 24.34
C LEU A 36 -9.85 -5.74 25.30
N GLU A 37 -10.92 -6.03 26.02
CA GLU A 37 -10.92 -7.15 26.96
C GLU A 37 -10.69 -8.49 26.25
N GLN A 38 -10.96 -8.55 24.95
CA GLN A 38 -10.73 -9.76 24.17
C GLN A 38 -9.33 -9.83 23.61
N GLY A 39 -8.56 -8.76 23.77
CA GLY A 39 -7.21 -8.71 23.25
C GLY A 39 -6.96 -7.42 22.48
N PHE A 40 -5.73 -6.95 22.56
CA PHE A 40 -5.31 -5.73 21.84
C PHE A 40 -5.39 -5.91 20.33
N HIS A 41 -4.88 -7.02 19.82
CA HIS A 41 -4.89 -7.24 18.37
C HIS A 41 -6.29 -7.39 17.83
N GLU A 42 -7.10 -8.14 18.57
CA GLU A 42 -8.50 -8.35 18.24
C GLU A 42 -9.27 -7.04 18.24
N ALA A 43 -8.97 -6.19 19.22
CA ALA A 43 -9.62 -4.87 19.31
C ALA A 43 -9.27 -3.98 18.12
N TRP A 44 -8.00 -3.88 17.76
CA TRP A 44 -7.65 -3.14 16.55
C TRP A 44 -8.31 -3.73 15.31
N LYS A 45 -8.37 -5.05 15.23
CA LYS A 45 -8.95 -5.70 14.06
C LYS A 45 -10.44 -5.36 13.91
N ARG A 46 -11.14 -5.06 15.01
CA ARG A 46 -12.53 -4.58 14.90
C ARG A 46 -12.69 -3.33 14.06
N VAL A 47 -11.65 -2.48 14.04
CA VAL A 47 -11.65 -1.23 13.30
C VAL A 47 -11.53 -1.48 11.79
N GLN A 48 -10.84 -2.57 11.45
CA GLN A 48 -10.51 -2.89 10.05
C GLN A 48 -11.58 -3.83 9.48
N GLN A 49 -12.76 -3.27 9.23
CA GLN A 49 -13.88 -3.99 8.63
C GLN A 49 -13.70 -3.96 7.10
N PRO A 50 -14.44 -4.82 6.39
CA PRO A 50 -14.19 -4.97 4.96
C PRO A 50 -14.32 -3.71 4.13
N ASP A 51 -15.21 -2.79 4.52
CA ASP A 51 -15.46 -1.59 3.75
C ASP A 51 -15.04 -0.33 4.48
N THR A 52 -14.27 -0.46 5.55
CA THR A 52 -13.93 0.80 6.24
C THR A 52 -12.94 1.63 5.45
N PRO A 53 -13.15 2.94 5.50
CA PRO A 53 -12.30 3.83 4.72
C PRO A 53 -10.84 3.70 5.13
N PRO A 54 -9.93 4.02 4.21
CA PRO A 54 -8.51 3.86 4.55
C PRO A 54 -8.04 4.81 5.64
N LEU A 55 -8.64 5.99 5.70
CA LEU A 55 -8.38 6.95 6.75
C LEU A 55 -9.71 7.33 7.41
N VAL A 56 -9.77 7.19 8.74
CA VAL A 56 -10.94 7.61 9.51
C VAL A 56 -10.51 8.56 10.60
N TRP A 57 -11.45 9.38 11.07
CA TRP A 57 -11.13 10.43 12.03
C TRP A 57 -11.91 10.21 13.30
N THR A 58 -11.22 10.23 14.44
CA THR A 58 -11.85 10.04 15.72
C THR A 58 -11.86 11.33 16.53
N PRO A 59 -12.98 11.58 17.23
CA PRO A 59 -13.08 12.79 18.07
C PRO A 59 -12.39 12.64 19.41
N PHE A 60 -11.92 11.44 19.70
CA PHE A 60 -11.28 11.17 20.97
C PHE A 60 -9.80 11.49 20.90
N THR A 61 -9.16 11.58 22.07
CA THR A 61 -7.71 11.78 22.14
C THR A 61 -7.27 13.04 21.39
N GLY A 62 -8.08 14.08 21.51
CA GLY A 62 -7.79 15.37 20.92
C GLY A 62 -8.16 15.53 19.46
N GLY A 63 -8.66 14.46 18.85
CA GLY A 63 -9.08 14.47 17.46
C GLY A 63 -7.93 14.14 16.54
N HIS A 64 -8.04 13.05 15.79
CA HIS A 64 -6.94 12.64 14.94
C HIS A 64 -7.39 11.59 13.94
N TRP A 65 -6.62 11.44 12.89
CA TRP A 65 -6.86 10.42 11.90
C TRP A 65 -6.26 9.08 12.37
N ILE A 66 -6.78 8.01 11.79
CA ILE A 66 -6.23 6.66 11.94
C ILE A 66 -6.17 6.00 10.57
N ALA A 67 -5.00 5.51 10.21
CA ALA A 67 -4.85 4.72 8.99
C ALA A 67 -5.27 3.30 9.29
N THR A 68 -6.12 2.72 8.43
CA THR A 68 -6.78 1.45 8.76
C THR A 68 -6.30 0.27 7.93
N ARG A 69 -5.34 0.54 7.05
CA ARG A 69 -4.82 -0.49 6.13
C ARG A 69 -3.31 -0.41 6.04
N GLY A 70 -2.70 -1.58 5.87
CA GLY A 70 -1.27 -1.69 5.85
C GLY A 70 -0.55 -0.85 4.82
N THR A 71 -1.10 -0.72 3.62
CA THR A 71 -0.40 -0.01 2.56
C THR A 71 -0.23 1.45 2.95
N LEU A 72 -1.23 2.04 3.62
CA LEU A 72 -1.10 3.43 4.09
C LEU A 72 -0.06 3.57 5.21
N ILE A 73 -0.11 2.66 6.15
CA ILE A 73 0.83 2.66 7.26
C ILE A 73 2.25 2.60 6.73
N ASP A 74 2.53 1.64 5.85
CA ASP A 74 3.84 1.52 5.23
C ASP A 74 4.25 2.77 4.49
N GLU A 75 3.34 3.30 3.66
CA GLU A 75 3.65 4.47 2.87
C GLU A 75 3.96 5.69 3.73
N ILE A 76 3.15 5.90 4.75
CA ILE A 76 3.31 7.07 5.62
C ILE A 76 4.68 7.02 6.31
N TYR A 77 5.03 5.88 6.88
CA TYR A 77 6.32 5.73 7.52
C TYR A 77 7.48 5.96 6.57
N ARG A 78 7.32 5.58 5.30
CA ARG A 78 8.37 5.75 4.29
C ARG A 78 8.48 7.15 3.68
N SER A 79 7.61 8.08 4.11
CA SER A 79 7.46 9.36 3.45
C SER A 79 7.60 10.55 4.40
N PRO A 80 8.80 10.74 4.97
CA PRO A 80 9.00 11.80 5.97
C PRO A 80 8.82 13.21 5.39
N GLU A 81 8.95 13.37 4.08
CA GLU A 81 8.79 14.70 3.49
C GLU A 81 7.33 15.14 3.49
N ARG A 82 6.41 14.17 3.53
CA ARG A 82 4.97 14.42 3.55
C ARG A 82 4.36 14.23 4.95
N PHE A 83 4.97 13.34 5.73
CA PHE A 83 4.46 12.95 7.05
C PHE A 83 5.62 12.99 8.02
N SER A 84 5.71 14.09 8.73
CA SER A 84 6.85 14.42 9.57
C SER A 84 6.77 13.80 10.96
N SER A 85 7.95 13.60 11.55
CA SER A 85 8.04 13.14 12.93
C SER A 85 8.04 14.29 13.94
N ARG A 86 7.65 15.50 13.50
CA ARG A 86 7.67 16.60 14.44
C ARG A 86 6.65 16.38 15.56
N VAL A 87 5.61 15.60 15.26
CA VAL A 87 4.72 15.04 16.28
C VAL A 87 4.45 13.57 15.95
N ILE A 88 4.74 12.67 16.90
CA ILE A 88 4.54 11.26 16.66
C ILE A 88 3.71 10.58 17.75
N TRP A 89 3.15 11.36 18.66
CA TRP A 89 2.27 10.85 19.71
C TRP A 89 0.91 11.52 19.62
N VAL A 90 -0.13 10.81 20.03
CA VAL A 90 -1.40 11.44 20.34
C VAL A 90 -1.61 11.29 21.85
N PRO A 91 -2.34 12.23 22.49
CA PRO A 91 -2.87 13.45 21.89
C PRO A 91 -1.74 14.41 21.51
N ARG A 92 -2.07 15.41 20.69
CA ARG A 92 -1.11 16.42 20.26
C ARG A 92 -0.31 17.01 21.42
N GLU A 93 -0.99 17.29 22.53
CA GLU A 93 -0.30 17.87 23.68
C GLU A 93 0.85 16.98 24.17
N ALA A 94 0.61 15.67 24.19
CA ALA A 94 1.65 14.72 24.56
C ALA A 94 2.72 14.68 23.48
N GLY A 95 2.29 14.70 22.21
CA GLY A 95 3.26 14.70 21.13
C GLY A 95 4.16 15.93 21.10
N GLU A 96 3.64 17.07 21.55
CA GLU A 96 4.44 18.29 21.59
C GLU A 96 5.41 18.26 22.76
N ALA A 97 5.05 17.56 23.84
CA ALA A 97 5.91 17.42 25.01
C ALA A 97 7.03 16.40 24.80
N TYR A 98 6.77 15.42 23.95
CA TYR A 98 7.68 14.33 23.68
C TYR A 98 9.03 14.85 23.20
N ASP A 99 10.08 14.35 23.85
CA ASP A 99 11.44 14.82 23.60
C ASP A 99 12.36 13.62 23.70
N MET A 100 12.40 12.85 22.63
CA MET A 100 13.26 11.71 22.52
C MET A 100 13.98 11.85 21.17
N VAL A 101 15.19 11.34 21.11
CA VAL A 101 16.04 11.49 19.92
C VAL A 101 16.52 10.12 19.49
N PRO A 102 16.49 9.82 18.17
CA PRO A 102 16.16 10.73 17.06
C PRO A 102 14.70 10.60 16.56
N THR A 103 13.81 10.05 17.37
CA THR A 103 12.43 9.86 16.90
C THR A 103 11.70 11.15 16.62
N LYS A 104 12.10 12.26 17.23
CA LYS A 104 11.45 13.52 16.94
C LYS A 104 12.01 14.25 15.70
N LEU A 105 13.00 13.64 15.06
CA LEU A 105 13.72 14.31 13.97
C LEU A 105 13.36 13.74 12.61
N ASP A 106 13.37 14.62 11.60
CA ASP A 106 13.30 14.21 10.22
C ASP A 106 14.71 14.27 9.61
N PRO A 107 14.93 13.51 8.51
CA PRO A 107 16.15 13.69 7.73
C PRO A 107 16.16 15.14 7.23
N PRO A 108 17.34 15.78 7.17
CA PRO A 108 18.68 15.28 7.42
C PRO A 108 19.13 15.32 8.89
N GLU A 109 18.41 16.02 9.76
CA GLU A 109 18.82 16.16 11.15
C GLU A 109 18.88 14.80 11.84
N HIS A 110 17.95 13.94 11.46
CA HIS A 110 17.88 12.59 11.99
C HIS A 110 19.11 11.75 11.70
N THR A 111 19.72 11.91 10.53
CA THR A 111 20.62 10.84 10.12
C THR A 111 21.92 10.67 10.91
N PRO A 112 22.59 11.75 11.35
CA PRO A 112 23.79 11.49 12.16
C PRO A 112 23.49 10.84 13.51
N TYR A 113 22.30 11.09 14.04
CA TYR A 113 21.89 10.50 15.32
C TYR A 113 21.59 9.02 15.15
N ARG A 114 20.93 8.67 14.05
CA ARG A 114 20.67 7.28 13.76
C ARG A 114 21.98 6.55 13.51
N LYS A 115 22.92 7.21 12.83
CA LYS A 115 24.25 6.62 12.60
C LYS A 115 24.92 6.29 13.91
N ALA A 116 24.81 7.21 14.87
CA ALA A 116 25.41 7.02 16.20
C ALA A 116 24.77 5.81 16.90
N ILE A 117 23.45 5.73 16.89
CA ILE A 117 22.78 4.60 17.50
C ILE A 117 23.19 3.28 16.84
N ASP A 118 23.28 3.29 15.52
CA ASP A 118 23.61 2.08 14.77
C ASP A 118 25.02 1.58 15.13
N LYS A 119 25.90 2.47 15.55
CA LYS A 119 27.23 2.01 15.97
C LYS A 119 27.13 1.03 17.14
N GLY A 120 26.08 1.20 17.96
CA GLY A 120 25.86 0.36 19.11
C GLY A 120 24.90 -0.79 18.88
N LEU A 121 23.93 -0.62 17.99
CA LEU A 121 22.84 -1.59 17.84
C LEU A 121 22.83 -2.34 16.52
N ASN A 122 23.85 -2.17 15.69
CA ASN A 122 23.87 -2.88 14.42
C ASN A 122 23.96 -4.40 14.60
N LEU A 123 23.58 -5.14 13.57
CA LEU A 123 23.43 -6.59 13.70
C LEU A 123 24.73 -7.26 14.17
N ALA A 124 25.88 -6.82 13.65
CA ALA A 124 27.15 -7.40 14.05
C ALA A 124 27.43 -7.18 15.53
N GLU A 125 27.10 -6.00 16.05
CA GLU A 125 27.25 -5.74 17.48
C GLU A 125 26.30 -6.59 18.31
N ILE A 126 25.06 -6.71 17.85
CA ILE A 126 24.06 -7.47 18.59
C ILE A 126 24.44 -8.96 18.64
N ARG A 127 25.04 -9.47 17.57
CA ARG A 127 25.41 -10.89 17.55
C ARG A 127 26.36 -11.22 18.68
N LYS A 128 27.20 -10.26 19.06
CA LYS A 128 28.12 -10.44 20.16
C LYS A 128 27.43 -10.66 21.49
N LEU A 129 26.15 -10.29 21.58
CA LEU A 129 25.42 -10.34 22.83
C LEU A 129 24.67 -11.64 23.06
N GLU A 130 24.70 -12.53 22.08
CA GLU A 130 23.85 -13.72 22.12
C GLU A 130 24.06 -14.49 23.43
N ASP A 131 25.30 -14.71 23.81
CA ASP A 131 25.58 -15.55 24.96
C ASP A 131 25.10 -14.91 26.27
N GLN A 132 25.33 -13.61 26.42
CA GLN A 132 24.87 -12.87 27.60
C GLN A 132 23.36 -12.98 27.74
N ILE A 133 22.67 -12.83 26.61
CA ILE A 133 21.22 -12.86 26.60
C ILE A 133 20.74 -14.25 26.99
N ARG A 134 21.38 -15.27 26.45
CA ARG A 134 21.04 -16.65 26.75
C ARG A 134 21.24 -16.98 28.23
N THR A 135 22.35 -16.53 28.83
CA THR A 135 22.60 -16.79 30.24
C THR A 135 21.49 -16.22 31.12
N ILE A 136 21.06 -15.02 30.78
CA ILE A 136 19.99 -14.36 31.51
C ILE A 136 18.70 -15.16 31.37
N ALA A 137 18.34 -15.54 30.14
CA ALA A 137 17.12 -16.30 29.93
C ALA A 137 17.16 -17.62 30.71
N VAL A 138 18.27 -18.35 30.65
CA VAL A 138 18.38 -19.63 31.32
C VAL A 138 18.22 -19.48 32.83
N GLU A 139 18.87 -18.47 33.40
CA GLU A 139 18.80 -18.26 34.83
C GLU A 139 17.36 -18.06 35.29
N ILE A 140 16.63 -17.23 34.54
CA ILE A 140 15.25 -16.93 34.88
C ILE A 140 14.39 -18.18 34.75
N ILE A 141 14.50 -18.86 33.61
CA ILE A 141 13.67 -20.05 33.35
C ILE A 141 13.95 -21.17 34.34
N GLU A 142 15.21 -21.36 34.70
CA GLU A 142 15.55 -22.41 35.65
C GLU A 142 14.92 -22.17 37.02
N GLY A 143 14.60 -20.93 37.33
CA GLY A 143 13.89 -20.60 38.58
C GLY A 143 12.52 -21.24 38.73
N PHE A 144 11.85 -21.54 37.62
CA PHE A 144 10.49 -22.10 37.69
C PHE A 144 10.18 -23.30 36.78
N ALA A 145 11.12 -23.72 35.93
CA ALA A 145 10.85 -24.80 34.98
C ALA A 145 10.38 -26.10 35.65
N ASP A 146 10.93 -26.39 36.82
CA ASP A 146 10.61 -27.62 37.51
C ASP A 146 9.29 -27.51 38.26
N ARG A 147 8.78 -26.30 38.40
CA ARG A 147 7.62 -26.02 39.22
C ARG A 147 6.29 -26.43 38.60
N GLY A 148 6.18 -26.31 37.27
CA GLY A 148 4.96 -26.68 36.59
C GLY A 148 3.97 -25.55 36.38
N HIS A 149 4.33 -24.36 36.84
CA HIS A 149 3.51 -23.16 36.64
C HIS A 149 4.33 -21.91 36.87
N CYS A 150 3.87 -20.82 36.25
CA CYS A 150 4.43 -19.52 36.54
C CYS A 150 3.48 -18.48 36.02
N GLU A 151 3.55 -17.29 36.58
CA GLU A 151 2.84 -16.16 36.01
C GLU A 151 3.84 -15.49 35.06
N PHE A 152 3.64 -15.72 33.76
CA PHE A 152 4.67 -15.42 32.78
C PHE A 152 5.06 -13.93 32.72
N GLY A 153 4.08 -13.06 32.90
CA GLY A 153 4.31 -11.62 32.94
C GLY A 153 5.29 -11.22 34.04
N SER A 154 4.87 -11.43 35.27
CA SER A 154 5.70 -10.99 36.39
C SER A 154 6.99 -11.80 36.56
N GLU A 155 6.99 -13.07 36.13
CA GLU A 155 8.13 -13.94 36.41
C GLU A 155 9.10 -14.07 35.23
N PHE A 156 8.68 -13.67 34.03
CA PHE A 156 9.56 -13.73 32.86
C PHE A 156 9.56 -12.51 31.94
N SER A 157 8.43 -12.17 31.33
CA SER A 157 8.47 -11.18 30.26
C SER A 157 8.87 -9.78 30.77
N THR A 158 8.51 -9.45 32.02
CA THR A 158 8.92 -8.16 32.58
C THR A 158 10.31 -8.20 33.17
N VAL A 159 10.94 -9.39 33.21
CA VAL A 159 12.23 -9.56 33.85
C VAL A 159 13.34 -9.71 32.81
N PHE A 160 13.15 -10.61 31.86
CA PHE A 160 14.20 -10.95 30.90
C PHE A 160 14.74 -9.77 30.05
N PRO A 161 13.86 -9.05 29.32
CA PRO A 161 14.37 -7.98 28.47
C PRO A 161 14.97 -6.82 29.27
N VAL A 162 14.45 -6.63 30.47
CA VAL A 162 14.95 -5.57 31.37
C VAL A 162 16.36 -5.89 31.87
N ARG A 163 16.57 -7.10 32.34
CA ARG A 163 17.91 -7.51 32.77
C ARG A 163 18.90 -7.46 31.60
N VAL A 164 18.45 -7.88 30.41
CA VAL A 164 19.31 -7.83 29.22
C VAL A 164 19.71 -6.38 28.94
N PHE A 165 18.73 -5.49 28.91
CA PHE A 165 19.05 -4.13 28.49
C PHE A 165 19.84 -3.38 29.55
N LEU A 166 19.49 -3.55 30.82
CA LEU A 166 20.22 -2.81 31.86
C LEU A 166 21.67 -3.29 31.92
N ALA A 167 21.90 -4.58 31.68
CA ALA A 167 23.27 -5.07 31.63
C ALA A 167 24.02 -4.45 30.44
N LEU A 168 23.37 -4.46 29.29
CA LEU A 168 23.95 -3.94 28.06
C LEU A 168 24.28 -2.47 28.22
N ALA A 169 23.39 -1.74 28.89
CA ALA A 169 23.58 -0.32 29.15
C ALA A 169 24.47 -0.01 30.36
N GLY A 170 24.93 -1.03 31.07
CA GLY A 170 25.75 -0.84 32.25
C GLY A 170 25.05 -0.09 33.35
N LEU A 171 23.80 -0.45 33.62
CA LEU A 171 23.01 0.21 34.63
C LEU A 171 22.56 -0.82 35.67
N PRO A 172 22.28 -0.37 36.90
CA PRO A 172 21.92 -1.31 37.96
C PRO A 172 20.53 -1.88 37.77
N VAL A 173 20.38 -3.18 37.99
CA VAL A 173 19.09 -3.81 37.83
C VAL A 173 18.07 -3.22 38.83
N GLU A 174 18.54 -2.63 39.92
CA GLU A 174 17.61 -2.05 40.91
C GLU A 174 16.85 -0.83 40.37
N ASP A 175 17.29 -0.31 39.22
CA ASP A 175 16.63 0.84 38.60
C ASP A 175 15.46 0.43 37.72
N ALA A 176 15.21 -0.88 37.62
CA ALA A 176 14.18 -1.39 36.74
C ALA A 176 12.80 -0.82 37.04
N THR A 177 12.43 -0.77 38.32
CA THR A 177 11.08 -0.31 38.67
C THR A 177 10.83 1.13 38.28
N LYS A 178 11.73 2.01 38.71
CA LYS A 178 11.56 3.42 38.41
C LYS A 178 11.52 3.68 36.94
N LEU A 179 12.36 2.98 36.17
CA LEU A 179 12.36 3.17 34.73
C LEU A 179 11.09 2.64 34.08
N GLY A 180 10.57 1.52 34.56
CA GLY A 180 9.34 0.98 34.02
C GLY A 180 8.16 1.92 34.28
N LEU A 181 8.16 2.59 35.42
CA LEU A 181 7.08 3.50 35.76
C LEU A 181 7.09 4.68 34.81
N LEU A 182 8.28 5.16 34.49
CA LEU A 182 8.40 6.26 33.57
C LEU A 182 7.95 5.82 32.17
N ALA A 183 8.38 4.63 31.75
CA ALA A 183 7.99 4.11 30.44
C ALA A 183 6.47 4.02 30.33
N ASN A 184 5.81 3.50 31.37
CA ASN A 184 4.36 3.39 31.35
C ASN A 184 3.68 4.72 31.09
N GLU A 185 4.19 5.78 31.72
CA GLU A 185 3.58 7.09 31.56
C GLU A 185 3.96 7.75 30.22
N MET A 186 5.05 7.29 29.59
CA MET A 186 5.34 7.74 28.22
C MET A 186 4.35 7.13 27.21
N THR A 187 4.16 5.82 27.30
CA THR A 187 3.45 5.10 26.26
C THR A 187 1.96 4.96 26.52
N ARG A 188 1.58 5.03 27.79
CA ARG A 188 0.18 5.02 28.18
C ARG A 188 -0.08 6.09 29.24
N PRO A 189 0.14 7.37 28.86
CA PRO A 189 0.00 8.43 29.87
C PRO A 189 -1.36 8.48 30.53
N SER A 190 -1.33 8.68 31.84
CA SER A 190 -2.57 8.77 32.61
C SER A 190 -3.33 10.03 32.26
N GLY A 191 -4.66 9.95 32.36
CA GLY A 191 -5.52 11.11 32.20
C GLY A 191 -6.67 10.83 31.24
N ASN A 192 -7.72 11.65 31.33
CA ASN A 192 -8.91 11.45 30.52
C ASN A 192 -9.23 12.66 29.66
N THR A 193 -8.30 13.62 29.62
CA THR A 193 -8.36 14.79 28.75
C THR A 193 -7.06 14.85 28.01
N PRO A 194 -7.05 15.42 26.79
CA PRO A 194 -5.77 15.65 26.10
C PRO A 194 -4.77 16.43 26.95
N GLU A 195 -5.21 17.47 27.62
CA GLU A 195 -4.29 18.23 28.46
C GLU A 195 -3.71 17.42 29.63
N GLU A 196 -4.53 16.57 30.24
CA GLU A 196 -4.03 15.73 31.33
C GLU A 196 -2.98 14.75 30.81
N GLN A 197 -3.24 14.15 29.66
CA GLN A 197 -2.28 13.20 29.13
C GLN A 197 -0.99 13.91 28.71
N GLY A 198 -1.12 15.14 28.22
CA GLY A 198 0.04 15.95 27.90
C GLY A 198 0.92 16.16 29.12
N ARG A 199 0.29 16.55 30.23
CA ARG A 199 1.03 16.76 31.48
C ARG A 199 1.72 15.49 31.98
N SER A 200 1.02 14.36 31.85
CA SER A 200 1.57 13.08 32.28
C SER A 200 2.82 12.70 31.48
N LEU A 201 2.77 12.88 30.17
CA LEU A 201 3.91 12.57 29.32
C LEU A 201 5.07 13.53 29.63
N GLU A 202 4.74 14.80 29.81
CA GLU A 202 5.75 15.78 30.16
C GLU A 202 6.52 15.36 31.42
N ALA A 203 5.78 14.92 32.44
CA ALA A 203 6.40 14.53 33.69
C ALA A 203 7.30 13.30 33.53
N ALA A 204 6.81 12.31 32.77
CA ALA A 204 7.56 11.09 32.50
C ALA A 204 8.85 11.40 31.73
N ASN A 205 8.73 12.26 30.73
CA ASN A 205 9.87 12.58 29.88
C ASN A 205 10.92 13.33 30.72
N LYS A 206 10.45 14.18 31.63
CA LYS A 206 11.34 14.86 32.56
C LYS A 206 12.05 13.85 33.48
N GLY A 207 11.31 12.88 33.99
CA GLY A 207 11.89 11.86 34.84
C GLY A 207 13.02 11.12 34.13
N PHE A 208 12.82 10.83 32.84
CA PHE A 208 13.87 10.15 32.07
C PHE A 208 15.11 11.06 31.94
N PHE A 209 14.87 12.33 31.64
CA PHE A 209 15.98 13.25 31.48
C PHE A 209 16.74 13.39 32.80
N GLU A 210 16.01 13.44 33.92
CA GLU A 210 16.66 13.57 35.23
C GLU A 210 17.56 12.36 35.49
N TYR A 211 17.06 11.18 35.13
CA TYR A 211 17.82 9.95 35.33
C TYR A 211 19.06 9.88 34.45
N VAL A 212 18.94 10.28 33.19
CA VAL A 212 20.01 10.09 32.26
C VAL A 212 21.06 11.18 32.34
N ALA A 213 20.72 12.38 32.81
CA ALA A 213 21.70 13.46 32.81
C ALA A 213 23.04 13.13 33.49
N PRO A 214 23.01 12.58 34.71
CA PRO A 214 24.28 12.28 35.40
C PRO A 214 25.09 11.17 34.71
N ILE A 215 24.38 10.25 34.07
CA ILE A 215 25.00 9.15 33.33
C ILE A 215 25.75 9.67 32.12
N ILE A 216 25.08 10.55 31.37
CA ILE A 216 25.73 11.24 30.27
C ILE A 216 26.96 11.99 30.73
N ALA A 217 26.85 12.79 31.78
CA ALA A 217 27.98 13.59 32.25
C ALA A 217 29.16 12.69 32.64
N ALA A 218 28.87 11.54 33.22
CA ALA A 218 29.90 10.63 33.66
C ALA A 218 30.54 9.86 32.50
N ARG A 219 29.79 9.62 31.42
CA ARG A 219 30.28 8.71 30.39
C ARG A 219 30.78 9.42 29.14
N ARG A 220 30.65 10.74 29.07
CA ARG A 220 31.27 11.50 27.98
C ARG A 220 32.77 11.30 28.10
N GLY A 221 33.39 10.85 27.01
CA GLY A 221 34.83 10.61 27.01
C GLY A 221 35.21 9.40 27.84
N GLY A 222 34.21 8.63 28.28
CA GLY A 222 34.45 7.51 29.16
C GLY A 222 35.10 6.34 28.47
N SER A 223 35.58 5.40 29.29
CA SER A 223 36.23 4.20 28.81
C SER A 223 35.33 2.96 28.94
N GLY A 224 34.09 3.15 29.40
CA GLY A 224 33.19 2.03 29.53
C GLY A 224 32.93 1.40 28.17
N THR A 225 32.58 0.12 28.19
CA THR A 225 32.24 -0.58 26.95
C THR A 225 30.73 -0.78 26.81
N ASP A 226 29.99 -0.21 27.75
CA ASP A 226 28.53 -0.32 27.73
C ASP A 226 27.94 0.44 26.54
N LEU A 227 26.68 0.13 26.22
CA LEU A 227 26.00 0.70 25.07
C LEU A 227 25.96 2.23 25.09
N ILE A 228 25.76 2.80 26.29
CA ILE A 228 25.59 4.23 26.41
C ILE A 228 26.89 4.96 26.09
N THR A 229 27.98 4.53 26.69
CA THR A 229 29.27 5.15 26.40
C THR A 229 29.56 5.06 24.90
N ARG A 230 29.28 3.90 24.32
CA ARG A 230 29.62 3.66 22.92
C ARG A 230 28.89 4.65 22.01
N ILE A 231 27.59 4.79 22.22
CA ILE A 231 26.77 5.64 21.34
C ILE A 231 27.01 7.12 21.64
N LEU A 232 27.05 7.46 22.93
CA LEU A 232 27.21 8.84 23.37
C LEU A 232 28.40 9.51 22.74
N ASN A 233 29.47 8.75 22.57
CA ASN A 233 30.76 9.28 22.14
C ASN A 233 31.02 9.21 20.64
N VAL A 234 29.99 8.87 19.88
CA VAL A 234 30.03 9.05 18.43
C VAL A 234 29.87 10.54 18.14
N GLU A 235 30.80 11.09 17.38
CA GLU A 235 30.73 12.50 17.03
C GLU A 235 29.56 12.81 16.09
N ILE A 236 29.02 14.01 16.24
CA ILE A 236 27.94 14.48 15.40
C ILE A 236 28.48 15.69 14.67
N ASP A 237 28.59 15.57 13.34
CA ASP A 237 29.13 16.63 12.52
C ASP A 237 30.45 17.12 13.12
N GLY A 238 31.30 16.17 13.46
CA GLY A 238 32.66 16.46 13.90
C GLY A 238 32.86 17.00 15.31
N LYS A 239 31.82 16.94 16.13
CA LYS A 239 31.91 17.45 17.51
C LYS A 239 31.14 16.52 18.43
N PRO A 240 31.39 16.63 19.75
CA PRO A 240 30.58 15.88 20.72
C PRO A 240 29.11 16.25 20.58
N MET A 241 28.26 15.24 20.74
CA MET A 241 26.83 15.40 20.76
C MET A 241 26.42 16.43 21.81
N PRO A 242 25.59 17.41 21.43
CA PRO A 242 25.13 18.38 22.44
C PRO A 242 24.26 17.74 23.52
N ASP A 243 24.25 18.37 24.70
CA ASP A 243 23.50 17.86 25.84
C ASP A 243 22.04 17.62 25.54
N ASP A 244 21.40 18.56 24.85
CA ASP A 244 19.96 18.45 24.64
C ASP A 244 19.64 17.17 23.88
N ARG A 245 20.42 16.93 22.83
CA ARG A 245 20.26 15.73 22.02
C ARG A 245 20.59 14.46 22.78
N ALA A 246 21.65 14.51 23.57
CA ALA A 246 22.08 13.33 24.32
C ALA A 246 21.01 12.89 25.31
N LEU A 247 20.40 13.85 25.99
CA LEU A 247 19.33 13.53 26.95
C LEU A 247 18.24 12.74 26.26
N GLY A 248 17.80 13.23 25.10
CA GLY A 248 16.71 12.57 24.40
C GLY A 248 17.14 11.23 23.83
N LEU A 249 18.40 11.13 23.44
CA LEU A 249 18.91 9.91 22.84
C LEU A 249 19.04 8.77 23.85
N VAL A 250 19.71 9.04 24.96
CA VAL A 250 19.87 8.00 25.97
C VAL A 250 18.49 7.63 26.58
N SER A 251 17.63 8.61 26.76
CA SER A 251 16.28 8.31 27.23
C SER A 251 15.54 7.36 26.27
N LEU A 252 15.67 7.59 24.96
CA LEU A 252 14.96 6.76 23.99
C LEU A 252 15.49 5.32 24.01
N LEU A 253 16.80 5.18 24.20
CA LEU A 253 17.39 3.85 24.30
C LEU A 253 16.72 3.08 25.43
N LEU A 254 16.56 3.74 26.57
CA LEU A 254 15.98 3.10 27.74
C LEU A 254 14.52 2.80 27.50
N LEU A 255 13.80 3.76 26.92
CA LEU A 255 12.39 3.56 26.64
C LEU A 255 12.16 2.37 25.69
N GLY A 256 12.87 2.35 24.56
CA GLY A 256 12.74 1.24 23.62
C GLY A 256 13.25 -0.07 24.19
N GLY A 257 14.41 -0.01 24.82
CA GLY A 257 15.08 -1.18 25.33
C GLY A 257 14.33 -1.94 26.39
N LEU A 258 13.57 -1.23 27.23
CA LEU A 258 13.03 -1.79 28.48
C LEU A 258 11.55 -2.13 28.46
N ASP A 259 10.81 -1.64 27.47
CA ASP A 259 9.37 -1.76 27.47
C ASP A 259 8.78 -2.61 26.35
N THR A 260 9.26 -2.36 25.15
CA THR A 260 8.63 -2.89 23.95
CA THR A 260 8.64 -2.91 23.96
C THR A 260 8.70 -4.43 23.91
N VAL A 261 9.87 -5.00 24.16
CA VAL A 261 10.00 -6.46 24.07
C VAL A 261 9.21 -7.14 25.18
N VAL A 262 9.17 -6.51 26.34
CA VAL A 262 8.39 -7.02 27.45
C VAL A 262 6.96 -7.29 27.01
N ASN A 263 6.35 -6.31 26.36
CA ASN A 263 4.95 -6.53 26.01
C ASN A 263 4.75 -7.43 24.80
N PHE A 264 5.66 -7.35 23.83
CA PHE A 264 5.65 -8.26 22.69
C PHE A 264 5.62 -9.70 23.19
N LEU A 265 6.50 -10.03 24.12
CA LEU A 265 6.59 -11.40 24.62
C LEU A 265 5.29 -11.89 25.25
N GLY A 266 4.61 -11.02 25.99
CA GLY A 266 3.35 -11.40 26.61
C GLY A 266 2.30 -11.80 25.58
N PHE A 267 2.13 -10.98 24.53
CA PHE A 267 1.18 -11.32 23.48
C PHE A 267 1.53 -12.61 22.79
N MET A 268 2.82 -12.76 22.46
CA MET A 268 3.30 -13.92 21.76
C MET A 268 3.01 -15.17 22.57
N MET A 269 3.32 -15.11 23.86
CA MET A 269 3.22 -16.28 24.71
C MET A 269 1.78 -16.70 24.96
N ILE A 270 0.89 -15.73 25.09
CA ILE A 270 -0.54 -16.06 25.22
C ILE A 270 -0.98 -16.88 23.99
N TYR A 271 -0.58 -16.42 22.81
CA TYR A 271 -0.92 -17.16 21.59
C TYR A 271 -0.30 -18.57 21.61
N LEU A 272 0.99 -18.68 21.90
CA LEU A 272 1.63 -19.98 21.84
C LEU A 272 0.98 -20.94 22.86
N SER A 273 0.59 -20.42 24.02
CA SER A 273 -0.02 -21.25 25.08
C SER A 273 -1.35 -21.84 24.62
N ARG A 274 -1.96 -21.20 23.62
CA ARG A 274 -3.25 -21.63 23.07
C ARG A 274 -3.11 -22.44 21.76
N HIS A 275 -1.87 -22.59 21.28
CA HIS A 275 -1.60 -23.26 20.01
C HIS A 275 -0.46 -24.24 20.15
N PRO A 276 -0.74 -25.36 20.85
CA PRO A 276 0.30 -26.34 21.14
C PRO A 276 0.86 -26.98 19.89
N GLU A 277 0.08 -27.01 18.80
CA GLU A 277 0.57 -27.55 17.53
C GLU A 277 1.71 -26.70 16.98
N THR A 278 1.58 -25.39 17.14
CA THR A 278 2.59 -24.46 16.68
C THR A 278 3.87 -24.57 17.52
N VAL A 279 3.69 -24.65 18.83
CA VAL A 279 4.81 -24.90 19.72
C VAL A 279 5.51 -26.21 19.33
N ALA A 280 4.74 -27.25 19.04
CA ALA A 280 5.34 -28.54 18.72
C ALA A 280 6.17 -28.46 17.44
N GLU A 281 5.70 -27.68 16.46
CA GLU A 281 6.47 -27.47 15.23
C GLU A 281 7.82 -26.84 15.53
N MET A 282 7.83 -25.86 16.43
CA MET A 282 9.08 -25.21 16.85
C MET A 282 10.02 -26.20 17.53
N ARG A 283 9.47 -27.06 18.36
CA ARG A 283 10.30 -28.05 19.07
C ARG A 283 10.86 -29.08 18.10
N ARG A 284 10.05 -29.54 17.15
CA ARG A 284 10.47 -30.59 16.23
C ARG A 284 11.44 -30.08 15.15
N GLU A 285 11.32 -28.81 14.80
CA GLU A 285 12.12 -28.20 13.74
C GLU A 285 12.78 -26.90 14.22
N PRO A 286 13.98 -27.00 14.80
CA PRO A 286 14.59 -25.79 15.36
C PRO A 286 14.86 -24.70 14.32
N LEU A 287 15.04 -25.08 13.06
CA LEU A 287 15.21 -24.07 12.01
C LEU A 287 13.90 -23.36 11.69
N LYS A 288 12.78 -24.04 11.90
CA LYS A 288 11.45 -23.42 11.76
C LYS A 288 11.27 -22.35 12.81
N LEU A 289 11.73 -22.63 14.02
CA LEU A 289 11.72 -21.63 15.09
C LEU A 289 12.51 -20.42 14.67
N GLN A 290 13.79 -20.64 14.31
CA GLN A 290 14.67 -19.55 13.96
C GLN A 290 14.10 -18.73 12.81
N ARG A 291 13.68 -19.44 11.76
CA ARG A 291 13.20 -18.76 10.55
C ARG A 291 11.80 -18.20 10.71
N GLY A 292 11.15 -18.55 11.81
CA GLY A 292 9.76 -18.19 12.01
C GLY A 292 9.53 -17.02 12.95
N VAL A 293 10.63 -16.50 13.50
CA VAL A 293 10.55 -15.41 14.45
C VAL A 293 9.97 -14.17 13.78
N GLU A 294 10.28 -13.92 12.50
CA GLU A 294 9.74 -12.72 11.87
C GLU A 294 8.21 -12.79 11.71
N GLU A 295 7.70 -14.00 11.51
CA GLU A 295 6.25 -14.23 11.50
C GLU A 295 5.62 -13.81 12.84
N LEU A 296 6.32 -14.09 13.94
CA LEU A 296 5.84 -13.63 15.23
C LEU A 296 5.82 -12.11 15.29
N PHE A 297 6.84 -11.44 14.77
CA PHE A 297 6.79 -9.97 14.70
C PHE A 297 5.63 -9.43 13.87
N ARG A 298 5.32 -10.10 12.77
CA ARG A 298 4.17 -9.72 11.96
C ARG A 298 2.88 -9.79 12.79
N ARG A 299 2.77 -10.85 13.58
CA ARG A 299 1.53 -11.18 14.26
C ARG A 299 1.27 -10.40 15.54
N PHE A 300 2.34 -10.02 16.24
CA PHE A 300 2.22 -9.40 17.59
C PHE A 300 2.75 -7.97 17.69
N ALA A 301 2.33 -7.13 16.75
CA ALA A 301 2.69 -5.71 16.81
C ALA A 301 2.24 -5.05 18.11
N VAL A 302 2.99 -4.07 18.60
CA VAL A 302 2.60 -3.40 19.84
C VAL A 302 2.56 -1.88 19.77
N VAL A 303 3.18 -1.30 18.74
CA VAL A 303 3.25 0.15 18.63
C VAL A 303 2.14 0.75 17.76
N SER A 304 1.54 1.83 18.26
CA SER A 304 0.61 2.63 17.47
C SER A 304 1.02 4.07 17.69
N ASP A 305 1.80 4.62 16.78
CA ASP A 305 2.25 5.99 16.93
C ASP A 305 1.87 6.80 15.71
N ALA A 306 2.35 8.04 15.62
CA ALA A 306 1.76 8.96 14.62
C ALA A 306 2.78 9.67 13.75
N ARG A 307 2.25 10.40 12.77
CA ARG A 307 3.01 11.36 11.99
C ARG A 307 2.17 12.62 11.82
N TYR A 308 2.85 13.71 11.45
CA TYR A 308 2.29 15.05 11.29
C TYR A 308 2.23 15.39 9.81
N VAL A 309 1.05 15.76 9.31
CA VAL A 309 0.89 16.08 7.91
C VAL A 309 1.59 17.40 7.60
N VAL A 310 2.57 17.34 6.71
CA VAL A 310 3.44 18.49 6.44
C VAL A 310 2.71 19.62 5.69
N SER A 311 1.89 19.23 4.72
CA SER A 311 1.17 20.18 3.87
C SER A 311 -0.24 19.72 3.56
N ASP A 312 -1.13 20.67 3.33
CA ASP A 312 -2.46 20.34 2.83
C ASP A 312 -2.27 19.40 1.63
N MET A 313 -3.05 18.33 1.60
CA MET A 313 -2.89 17.34 0.53
C MET A 313 -4.12 16.46 0.42
N GLU A 314 -4.20 15.73 -0.68
CA GLU A 314 -5.13 14.62 -0.78
C GLU A 314 -4.31 13.34 -0.74
N PHE A 315 -4.70 12.40 0.10
CA PHE A 315 -3.96 11.16 0.28
C PHE A 315 -4.97 10.04 0.39
N HIS A 316 -4.87 9.05 -0.51
CA HIS A 316 -5.83 7.95 -0.54
C HIS A 316 -7.26 8.49 -0.50
N GLY A 317 -7.49 9.46 -1.37
CA GLY A 317 -8.82 10.01 -1.60
C GLY A 317 -9.36 10.83 -0.43
N THR A 318 -8.47 11.18 0.50
CA THR A 318 -8.84 11.84 1.74
C THR A 318 -8.15 13.20 1.85
N MET A 319 -8.93 14.24 2.12
CA MET A 319 -8.37 15.57 2.24
C MET A 319 -7.76 15.73 3.63
N LEU A 320 -6.48 16.06 3.66
CA LEU A 320 -5.73 16.27 4.89
C LEU A 320 -5.24 17.71 4.94
N LYS A 321 -5.21 18.26 6.15
CA LYS A 321 -4.69 19.62 6.35
C LYS A 321 -3.32 19.54 7.07
N GLU A 322 -2.46 20.48 6.73
CA GLU A 322 -1.20 20.68 7.43
C GLU A 322 -1.46 20.68 8.92
N GLY A 323 -0.67 19.87 9.63
CA GLY A 323 -0.77 19.76 11.08
C GLY A 323 -1.66 18.66 11.59
N ASP A 324 -2.45 18.06 10.70
CA ASP A 324 -3.26 16.91 11.10
C ASP A 324 -2.33 15.80 11.56
N LEU A 325 -2.76 15.05 12.56
CA LEU A 325 -2.02 13.88 13.06
C LEU A 325 -2.68 12.61 12.54
N ILE A 326 -1.87 11.66 12.10
CA ILE A 326 -2.36 10.36 11.66
C ILE A 326 -1.74 9.28 12.53
N LEU A 327 -2.59 8.54 13.23
CA LEU A 327 -2.16 7.40 14.02
C LEU A 327 -2.00 6.20 13.09
N LEU A 328 -0.92 5.47 13.35
CA LEU A 328 -0.49 4.33 12.58
C LEU A 328 -0.48 3.11 13.50
N PRO A 329 -1.61 2.41 13.61
CA PRO A 329 -1.67 1.22 14.48
C PRO A 329 -0.98 0.10 13.73
N THR A 330 0.25 -0.20 14.13
CA THR A 330 1.06 -1.09 13.30
C THR A 330 0.48 -2.49 13.18
N ALA A 331 -0.38 -2.87 14.12
CA ALA A 331 -1.04 -4.17 14.02
C ALA A 331 -1.88 -4.27 12.74
N LEU A 332 -2.36 -3.12 12.24
CA LEU A 332 -3.20 -3.14 11.06
C LEU A 332 -2.45 -3.25 9.73
N HIS A 333 -1.13 -3.35 9.79
CA HIS A 333 -0.35 -3.80 8.64
C HIS A 333 -0.13 -5.32 8.71
N GLY A 334 0.56 -5.80 9.73
CA GLY A 334 0.80 -7.23 9.87
C GLY A 334 -0.46 -8.09 9.83
N LEU A 335 -1.54 -7.58 10.42
CA LEU A 335 -2.80 -8.31 10.46
C LEU A 335 -3.80 -7.96 9.35
N ASP A 336 -3.40 -7.10 8.42
CA ASP A 336 -4.28 -6.76 7.30
C ASP A 336 -4.54 -7.97 6.40
N ASP A 337 -5.80 -8.38 6.30
CA ASP A 337 -6.18 -9.48 5.46
C ASP A 337 -5.95 -9.22 3.97
N ARG A 338 -5.79 -7.95 3.59
CA ARG A 338 -5.38 -7.61 2.22
C ARG A 338 -3.89 -7.83 1.96
N HIS A 339 -3.11 -7.96 3.02
CA HIS A 339 -1.68 -8.30 2.91
C HIS A 339 -1.36 -9.74 3.23
N HIS A 340 -2.12 -10.36 4.11
CA HIS A 340 -1.84 -11.73 4.59
C HIS A 340 -3.12 -12.51 4.75
N ASP A 341 -3.17 -13.64 4.07
CA ASP A 341 -4.28 -14.54 4.19
C ASP A 341 -4.25 -15.16 5.60
N ASP A 342 -5.43 -15.31 6.21
CA ASP A 342 -5.54 -15.85 7.57
C ASP A 342 -4.58 -15.15 8.52
N PRO A 343 -4.71 -13.82 8.63
CA PRO A 343 -3.66 -13.02 9.27
C PRO A 343 -3.49 -13.31 10.76
N MET A 344 -4.54 -13.78 11.43
CA MET A 344 -4.44 -14.03 12.88
C MET A 344 -3.74 -15.34 13.18
N THR A 345 -3.50 -16.13 12.14
CA THR A 345 -2.80 -17.42 12.32
C THR A 345 -1.31 -17.24 12.19
N VAL A 346 -0.57 -17.73 13.16
CA VAL A 346 0.87 -17.84 13.04
C VAL A 346 1.14 -19.06 12.15
N ASP A 347 1.77 -18.80 11.02
CA ASP A 347 2.22 -19.83 10.10
C ASP A 347 3.74 -19.67 9.97
N LEU A 348 4.50 -20.55 10.61
CA LEU A 348 5.95 -20.37 10.67
C LEU A 348 6.62 -20.44 9.31
N SER A 349 5.95 -21.06 8.34
CA SER A 349 6.46 -21.19 6.98
C SER A 349 5.93 -20.13 6.02
N ARG A 350 5.18 -19.16 6.53
CA ARG A 350 4.65 -18.09 5.69
C ARG A 350 5.81 -17.40 4.97
N ARG A 351 5.73 -17.29 3.64
CA ARG A 351 6.86 -16.73 2.89
C ARG A 351 6.89 -15.21 2.91
N ASP A 352 5.69 -14.61 2.90
CA ASP A 352 5.56 -13.17 2.93
C ASP A 352 5.11 -12.80 4.32
N VAL A 353 6.03 -12.21 5.10
CA VAL A 353 5.70 -11.79 6.46
C VAL A 353 5.68 -10.29 6.61
N THR A 354 5.59 -9.58 5.48
CA THR A 354 5.75 -8.13 5.50
C THR A 354 4.85 -7.45 6.53
N HIS A 355 5.46 -6.53 7.27
CA HIS A 355 4.76 -5.90 8.37
C HIS A 355 5.45 -4.58 8.72
N SER A 356 4.80 -3.82 9.58
CA SER A 356 5.35 -2.53 10.08
C SER A 356 5.48 -2.55 11.59
N THR A 357 5.69 -3.73 12.13
CA THR A 357 5.92 -3.85 13.56
C THR A 357 7.10 -3.03 14.06
N PHE A 358 8.12 -2.94 13.20
CA PHE A 358 9.28 -2.09 13.43
C PHE A 358 9.19 -0.79 12.61
N ALA A 359 8.00 -0.42 12.14
CA ALA A 359 7.79 0.69 11.22
C ALA A 359 8.53 0.52 9.89
N GLN A 360 8.76 1.61 9.17
CA GLN A 360 9.45 1.59 7.89
C GLN A 360 10.17 2.92 7.79
N GLY A 361 10.96 3.07 6.75
CA GLY A 361 11.53 4.38 6.47
C GLY A 361 12.74 4.64 7.35
N PRO A 362 13.13 5.90 7.48
CA PRO A 362 14.39 6.22 8.19
C PRO A 362 14.42 5.80 9.67
N HIS A 363 13.24 5.77 10.31
CA HIS A 363 13.12 5.47 11.73
C HIS A 363 12.89 4.00 12.00
N ARG A 364 12.89 3.15 10.97
CA ARG A 364 12.63 1.73 11.18
C ARG A 364 13.51 1.22 12.33
N CYS A 365 12.89 0.52 13.27
CA CYS A 365 13.45 0.28 14.60
C CYS A 365 14.94 -0.01 14.63
N ALA A 366 15.70 0.82 15.33
CA ALA A 366 17.13 0.60 15.48
C ALA A 366 17.46 -0.62 16.34
N GLY A 367 16.50 -1.04 17.15
CA GLY A 367 16.67 -2.15 18.05
C GLY A 367 16.16 -3.46 17.48
N MET A 368 15.82 -3.49 16.21
CA MET A 368 15.17 -4.67 15.63
C MET A 368 16.03 -5.92 15.71
N HIS A 369 17.34 -5.78 15.51
CA HIS A 369 18.24 -6.91 15.63
C HIS A 369 18.28 -7.47 17.06
N LEU A 370 18.33 -6.57 18.04
CA LEU A 370 18.31 -6.98 19.43
C LEU A 370 16.97 -7.63 19.78
N ALA A 371 15.87 -7.04 19.31
CA ALA A 371 14.54 -7.61 19.58
C ALA A 371 14.44 -9.04 19.02
N ARG A 372 14.88 -9.22 17.78
CA ARG A 372 14.82 -10.53 17.14
C ARG A 372 15.67 -11.54 17.91
N LEU A 373 16.83 -11.12 18.38
CA LEU A 373 17.72 -12.04 19.08
C LEU A 373 17.14 -12.41 20.44
N GLU A 374 16.61 -11.44 21.16
CA GLU A 374 16.01 -11.73 22.46
C GLU A 374 14.88 -12.73 22.30
N VAL A 375 14.04 -12.55 21.29
CA VAL A 375 12.90 -13.45 21.12
C VAL A 375 13.38 -14.85 20.72
N THR A 376 14.35 -14.92 19.81
CA THR A 376 14.87 -16.20 19.34
C THR A 376 15.46 -16.98 20.51
N VAL A 377 16.30 -16.30 21.28
CA VAL A 377 16.98 -16.96 22.39
C VAL A 377 15.95 -17.38 23.45
N MET A 378 15.00 -16.50 23.74
CA MET A 378 13.93 -16.82 24.67
C MET A 378 13.20 -18.13 24.29
N LEU A 379 12.75 -18.21 23.04
CA LEU A 379 12.03 -19.41 22.59
C LEU A 379 12.90 -20.66 22.66
N GLN A 380 14.15 -20.55 22.26
CA GLN A 380 15.05 -21.68 22.30
C GLN A 380 15.22 -22.21 23.72
N GLU A 381 15.46 -21.31 24.66
CA GLU A 381 15.75 -21.72 26.04
C GLU A 381 14.49 -22.12 26.78
N TRP A 382 13.36 -21.48 26.45
CA TRP A 382 12.08 -21.87 26.99
C TRP A 382 11.73 -23.30 26.58
N LEU A 383 11.71 -23.56 25.26
CA LEU A 383 11.31 -24.87 24.77
C LEU A 383 12.27 -26.00 25.15
N ALA A 384 13.54 -25.67 25.36
CA ALA A 384 14.51 -26.65 25.85
C ALA A 384 14.10 -27.19 27.23
N ARG A 385 13.41 -26.37 28.01
CA ARG A 385 13.20 -26.63 29.44
C ARG A 385 11.73 -26.85 29.81
N ILE A 386 10.86 -26.23 29.02
CA ILE A 386 9.44 -26.28 29.20
C ILE A 386 8.83 -26.50 27.78
N PRO A 387 8.98 -27.71 27.24
CA PRO A 387 8.60 -27.97 25.84
C PRO A 387 7.11 -27.87 25.54
N GLU A 388 6.27 -28.15 26.53
CA GLU A 388 4.83 -28.07 26.40
C GLU A 388 4.28 -27.22 27.52
N PHE A 389 3.22 -26.44 27.23
CA PHE A 389 2.61 -25.56 28.23
C PHE A 389 1.26 -25.02 27.75
N ARG A 390 0.45 -24.59 28.70
CA ARG A 390 -0.88 -24.09 28.40
C ARG A 390 -1.22 -22.93 29.31
N LEU A 391 -2.21 -22.13 28.91
CA LEU A 391 -2.76 -21.10 29.76
C LEU A 391 -3.68 -21.77 30.77
N LYS A 392 -3.56 -21.37 32.03
CA LYS A 392 -4.42 -21.89 33.10
C LYS A 392 -5.89 -21.82 32.69
N ASP A 393 -6.64 -22.88 32.97
CA ASP A 393 -8.06 -22.90 32.65
C ASP A 393 -8.79 -21.67 33.18
N ARG A 394 -9.58 -21.05 32.30
CA ARG A 394 -10.42 -19.89 32.60
C ARG A 394 -9.66 -18.60 32.94
N ALA A 395 -8.35 -18.61 32.76
CA ALA A 395 -7.55 -17.42 33.00
C ALA A 395 -7.95 -16.31 32.03
N VAL A 396 -7.93 -15.07 32.53
CA VAL A 396 -8.26 -13.90 31.71
C VAL A 396 -7.12 -12.88 31.76
N PRO A 397 -6.29 -12.83 30.71
CA PRO A 397 -5.28 -11.78 30.67
C PRO A 397 -5.96 -10.43 30.64
N ILE A 398 -5.22 -9.42 31.08
CA ILE A 398 -5.70 -8.06 31.16
C ILE A 398 -4.90 -7.23 30.18
N TYR A 399 -5.61 -6.48 29.34
CA TYR A 399 -5.00 -5.77 28.23
C TYR A 399 -5.06 -4.27 28.40
N HIS A 400 -4.04 -3.60 27.85
CA HIS A 400 -3.95 -2.15 27.86
C HIS A 400 -3.59 -1.68 26.47
N SER A 401 -4.25 -0.63 26.01
CA SER A 401 -3.91 -0.05 24.70
C SER A 401 -3.38 1.38 24.89
N GLY A 402 -2.62 1.83 23.91
CA GLY A 402 -2.06 3.17 23.92
C GLY A 402 -1.02 3.24 22.83
N ILE A 403 0.04 4.02 23.04
CA ILE A 403 1.08 4.12 22.01
C ILE A 403 1.88 2.81 21.95
N VAL A 404 2.06 2.18 23.11
CA VAL A 404 2.53 0.80 23.18
C VAL A 404 1.55 -0.01 24.02
N ALA A 405 1.17 -1.15 23.46
CA ALA A 405 0.24 -2.08 24.08
C ALA A 405 0.89 -2.80 25.25
N ALA A 406 0.07 -3.23 26.20
CA ALA A 406 0.60 -4.05 27.29
C ALA A 406 -0.40 -5.12 27.67
N VAL A 407 0.10 -6.13 28.35
CA VAL A 407 -0.74 -7.24 28.76
C VAL A 407 -0.16 -7.79 30.05
N GLU A 408 -1.04 -8.17 30.96
CA GLU A 408 -0.63 -8.82 32.20
C GLU A 408 -1.55 -9.99 32.52
N ASN A 409 -1.14 -10.75 33.51
CA ASN A 409 -1.86 -11.93 33.99
C ASN A 409 -1.88 -13.06 32.96
N ILE A 410 -0.77 -13.76 32.89
CA ILE A 410 -0.52 -14.84 31.94
C ILE A 410 -0.07 -16.08 32.72
N PRO A 411 -1.01 -16.70 33.43
CA PRO A 411 -0.67 -17.89 34.22
C PRO A 411 -0.53 -19.12 33.34
N LEU A 412 0.69 -19.64 33.29
CA LEU A 412 0.98 -20.82 32.49
C LEU A 412 1.11 -22.05 33.36
N GLU A 413 0.81 -23.20 32.78
CA GLU A 413 0.89 -24.48 33.48
C GLU A 413 1.52 -25.52 32.58
N TRP A 414 2.32 -26.41 33.17
CA TRP A 414 2.86 -27.54 32.42
C TRP A 414 3.20 -28.69 33.37
N GLU A 415 3.48 -29.85 32.78
CA GLU A 415 4.02 -30.97 33.55
C GLU A 415 5.54 -30.88 33.45
N PRO A 416 6.22 -30.68 34.59
CA PRO A 416 7.68 -30.53 34.52
C PRO A 416 8.35 -31.73 33.83
N GLN A 417 9.31 -31.48 32.93
CA GLN A 417 10.00 -32.59 32.25
C GLN A 417 11.20 -33.07 33.08
N LYS B 11 5.49 -20.94 -28.55
CA LYS B 11 5.77 -19.61 -28.04
C LYS B 11 7.26 -19.40 -27.74
N HIS B 12 7.76 -18.20 -27.98
CA HIS B 12 9.14 -17.84 -27.64
C HIS B 12 9.30 -17.89 -26.12
N ARG B 13 10.42 -18.45 -25.69
CA ARG B 13 10.70 -18.61 -24.28
C ARG B 13 12.10 -18.16 -23.96
N VAL B 14 12.27 -17.49 -22.82
CA VAL B 14 13.58 -17.17 -22.28
C VAL B 14 13.82 -17.92 -20.97
N ALA B 15 15.07 -18.32 -20.69
CA ALA B 15 15.40 -18.95 -19.42
C ALA B 15 15.31 -17.92 -18.30
N PRO B 16 14.72 -18.31 -17.17
CA PRO B 16 14.71 -17.36 -16.05
C PRO B 16 16.10 -17.08 -15.50
N PRO B 17 16.28 -15.87 -14.96
CA PRO B 17 17.56 -15.55 -14.33
C PRO B 17 17.75 -16.30 -13.02
N PRO B 18 19.01 -16.36 -12.55
CA PRO B 18 19.34 -17.19 -11.41
C PRO B 18 18.52 -16.92 -10.15
N HIS B 19 18.03 -15.69 -9.97
CA HIS B 19 17.37 -15.35 -8.73
C HIS B 19 15.91 -15.78 -8.68
N VAL B 20 15.37 -16.27 -9.79
CA VAL B 20 13.99 -16.77 -9.82
C VAL B 20 13.94 -18.24 -9.45
N PRO B 21 13.34 -18.57 -8.31
CA PRO B 21 13.26 -19.97 -7.94
C PRO B 21 12.21 -20.71 -8.76
N GLY B 22 12.42 -22.01 -8.94
CA GLY B 22 11.60 -22.78 -9.85
C GLY B 22 10.12 -22.75 -9.50
N HIS B 23 9.81 -22.70 -8.20
CA HIS B 23 8.42 -22.77 -7.77
C HIS B 23 7.63 -21.50 -8.08
N LEU B 24 8.31 -20.44 -8.49
CA LEU B 24 7.64 -19.20 -8.85
C LEU B 24 7.35 -19.04 -10.35
N ILE B 25 7.75 -20.03 -11.14
CA ILE B 25 7.57 -19.92 -12.58
C ILE B 25 6.15 -20.25 -12.93
N ARG B 26 5.56 -19.43 -13.80
CA ARG B 26 4.23 -19.72 -14.34
C ARG B 26 4.23 -19.33 -15.82
N GLU B 27 3.66 -20.20 -16.64
CA GLU B 27 3.66 -20.00 -18.09
C GLU B 27 2.46 -19.16 -18.42
N ILE B 28 2.64 -17.85 -18.37
CA ILE B 28 1.57 -16.89 -18.57
C ILE B 28 1.96 -15.96 -19.70
N ASP B 29 1.10 -15.89 -20.71
CA ASP B 29 1.33 -15.09 -21.91
C ASP B 29 0.37 -13.93 -21.91
N ALA B 30 0.84 -12.75 -21.53
CA ALA B 30 -0.05 -11.61 -21.40
C ALA B 30 -0.70 -11.21 -22.73
N TYR B 31 -0.07 -11.59 -23.83
CA TYR B 31 -0.60 -11.23 -25.15
C TYR B 31 -1.50 -12.33 -25.74
N ASP B 32 -1.68 -13.43 -25.01
CA ASP B 32 -2.58 -14.50 -25.46
C ASP B 32 -2.86 -15.43 -24.30
N LEU B 33 -3.59 -14.91 -23.32
CA LEU B 33 -3.81 -15.61 -22.08
C LEU B 33 -4.53 -16.93 -22.26
N ASP B 34 -4.08 -17.93 -21.52
CA ASP B 34 -4.84 -19.18 -21.42
C ASP B 34 -6.28 -18.85 -20.99
N GLY B 35 -7.24 -19.36 -21.74
CA GLY B 35 -8.64 -19.18 -21.40
C GLY B 35 -9.24 -17.88 -21.88
N LEU B 36 -8.48 -17.14 -22.69
CA LEU B 36 -8.91 -15.85 -23.17
C LEU B 36 -10.24 -15.92 -23.91
N GLU B 37 -10.50 -17.02 -24.62
CA GLU B 37 -11.71 -17.08 -25.43
C GLU B 37 -13.00 -17.08 -24.59
N GLN B 38 -12.86 -17.33 -23.30
CA GLN B 38 -14.01 -17.21 -22.39
C GLN B 38 -14.09 -15.82 -21.76
N GLY B 39 -13.13 -14.95 -22.04
CA GLY B 39 -13.16 -13.58 -21.56
C GLY B 39 -11.81 -13.18 -21.00
N PHE B 40 -11.47 -11.92 -21.23
CA PHE B 40 -10.24 -11.34 -20.72
C PHE B 40 -10.20 -11.35 -19.20
N HIS B 41 -11.25 -10.88 -18.55
CA HIS B 41 -11.22 -10.79 -17.09
C HIS B 41 -11.18 -12.17 -16.48
N GLU B 42 -11.97 -13.07 -17.05
CA GLU B 42 -11.98 -14.45 -16.60
C GLU B 42 -10.61 -15.10 -16.77
N ALA B 43 -9.95 -14.82 -17.89
CA ALA B 43 -8.62 -15.37 -18.13
C ALA B 43 -7.60 -14.88 -17.11
N TRP B 44 -7.61 -13.59 -16.76
CA TRP B 44 -6.70 -13.11 -15.71
C TRP B 44 -7.06 -13.73 -14.37
N LYS B 45 -8.36 -13.87 -14.09
CA LYS B 45 -8.77 -14.44 -12.83
C LYS B 45 -8.30 -15.88 -12.65
N ARG B 46 -8.09 -16.61 -13.74
CA ARG B 46 -7.52 -17.97 -13.65
C ARG B 46 -6.12 -17.99 -13.02
N VAL B 47 -5.38 -16.90 -13.21
CA VAL B 47 -4.04 -16.75 -12.67
C VAL B 47 -4.09 -16.59 -11.14
N GLN B 48 -5.18 -15.99 -10.66
CA GLN B 48 -5.28 -15.59 -9.26
C GLN B 48 -5.99 -16.66 -8.46
N GLN B 49 -5.27 -17.74 -8.19
CA GLN B 49 -5.81 -18.82 -7.35
C GLN B 49 -5.47 -18.57 -5.89
N PRO B 50 -6.16 -19.28 -4.98
CA PRO B 50 -5.99 -18.93 -3.56
C PRO B 50 -4.56 -18.99 -3.06
N ASP B 51 -3.78 -19.95 -3.54
CA ASP B 51 -2.42 -20.11 -3.06
C ASP B 51 -1.37 -19.64 -4.05
N THR B 52 -1.73 -18.90 -5.10
CA THR B 52 -0.64 -18.54 -6.03
C THR B 52 0.18 -17.43 -5.40
N PRO B 53 1.49 -17.52 -5.57
CA PRO B 53 2.37 -16.52 -4.98
C PRO B 53 2.08 -15.10 -5.49
N PRO B 54 2.38 -14.09 -4.66
CA PRO B 54 2.02 -12.72 -5.03
C PRO B 54 2.79 -12.17 -6.23
N LEU B 55 3.98 -12.70 -6.47
CA LEU B 55 4.74 -12.44 -7.67
C LEU B 55 5.14 -13.76 -8.29
N VAL B 56 4.79 -13.94 -9.56
CA VAL B 56 5.20 -15.10 -10.33
C VAL B 56 5.98 -14.64 -11.56
N TRP B 57 6.81 -15.53 -12.09
CA TRP B 57 7.70 -15.18 -13.19
C TRP B 57 7.35 -16.00 -14.41
N THR B 58 7.15 -15.33 -15.54
CA THR B 58 6.86 -16.01 -16.78
C THR B 58 8.03 -15.92 -17.76
N PRO B 59 8.32 -17.01 -18.48
CA PRO B 59 9.41 -17.02 -19.46
C PRO B 59 9.00 -16.46 -20.82
N PHE B 60 7.71 -16.19 -20.98
CA PHE B 60 7.23 -15.62 -22.23
C PHE B 60 7.39 -14.10 -22.23
N THR B 61 7.27 -13.51 -23.41
CA THR B 61 7.25 -12.05 -23.55
C THR B 61 8.55 -11.48 -22.98
N GLY B 62 9.64 -12.21 -23.19
CA GLY B 62 10.96 -11.75 -22.81
C GLY B 62 11.37 -12.03 -21.37
N GLY B 63 10.45 -12.60 -20.59
CA GLY B 63 10.74 -12.93 -19.20
C GLY B 63 10.42 -11.77 -18.28
N HIS B 64 9.43 -11.93 -17.41
CA HIS B 64 9.02 -10.87 -16.51
C HIS B 64 8.19 -11.39 -15.34
N TRP B 65 8.10 -10.57 -14.31
CA TRP B 65 7.26 -10.89 -13.17
C TRP B 65 5.84 -10.48 -13.49
N ILE B 66 4.91 -11.06 -12.77
CA ILE B 66 3.51 -10.63 -12.77
C ILE B 66 3.02 -10.56 -11.32
N ALA B 67 2.49 -9.41 -10.93
CA ALA B 67 1.85 -9.24 -9.64
C ALA B 67 0.47 -9.86 -9.73
N THR B 68 0.14 -10.73 -8.78
CA THR B 68 -1.10 -11.49 -8.85
C THR B 68 -2.13 -11.09 -7.80
N ARG B 69 -1.79 -10.10 -7.02
CA ARG B 69 -2.65 -9.60 -5.94
C ARG B 69 -2.86 -8.11 -6.05
N GLY B 70 -4.11 -7.70 -5.81
CA GLY B 70 -4.44 -6.30 -5.86
C GLY B 70 -3.60 -5.43 -4.94
N THR B 71 -3.26 -5.95 -3.77
CA THR B 71 -2.43 -5.20 -2.84
C THR B 71 -1.10 -4.79 -3.44
N LEU B 72 -0.47 -5.68 -4.19
CA LEU B 72 0.83 -5.38 -4.78
C LEU B 72 0.70 -4.41 -5.94
N ILE B 73 -0.36 -4.56 -6.70
CA ILE B 73 -0.60 -3.68 -7.84
C ILE B 73 -0.72 -2.25 -7.34
N ASP B 74 -1.55 -2.05 -6.33
CA ASP B 74 -1.77 -0.73 -5.76
C ASP B 74 -0.47 -0.20 -5.14
N GLU B 75 0.23 -1.06 -4.40
CA GLU B 75 1.46 -0.65 -3.72
C GLU B 75 2.57 -0.26 -4.69
N ILE B 76 2.71 -1.05 -5.75
CA ILE B 76 3.74 -0.78 -6.76
C ILE B 76 3.48 0.53 -7.50
N TYR B 77 2.27 0.75 -7.96
CA TYR B 77 1.95 2.00 -8.61
C TYR B 77 2.25 3.22 -7.74
N ARG B 78 2.04 3.09 -6.44
CA ARG B 78 2.18 4.21 -5.51
C ARG B 78 3.64 4.48 -5.10
N SER B 79 4.58 3.67 -5.60
CA SER B 79 5.98 3.69 -5.19
C SER B 79 6.95 3.90 -6.34
N PRO B 80 6.88 5.06 -6.99
CA PRO B 80 7.72 5.32 -8.14
C PRO B 80 9.21 5.32 -7.81
N GLU B 81 9.57 5.58 -6.55
CA GLU B 81 10.98 5.60 -6.21
C GLU B 81 11.61 4.22 -6.23
N ARG B 82 10.80 3.19 -5.99
CA ARG B 82 11.26 1.80 -5.99
C ARG B 82 10.91 1.05 -7.26
N PHE B 83 9.86 1.51 -7.94
CA PHE B 83 9.35 0.88 -9.16
C PHE B 83 9.11 1.98 -10.20
N SER B 84 10.09 2.12 -11.08
CA SER B 84 10.20 3.25 -11.98
C SER B 84 9.41 3.06 -13.26
N SER B 85 9.05 4.18 -13.87
CA SER B 85 8.40 4.16 -15.19
C SER B 85 9.40 4.22 -16.34
N ARG B 86 10.68 4.02 -16.04
CA ARG B 86 11.75 3.87 -17.03
C ARG B 86 11.35 2.88 -18.12
N VAL B 87 10.72 1.78 -17.70
CA VAL B 87 10.11 0.81 -18.63
C VAL B 87 8.73 0.45 -18.09
N ILE B 88 7.69 0.59 -18.92
CA ILE B 88 6.33 0.29 -18.48
C ILE B 88 5.59 -0.68 -19.41
N TRP B 89 6.31 -1.21 -20.38
CA TRP B 89 5.76 -2.18 -21.33
C TRP B 89 6.56 -3.47 -21.26
N VAL B 90 5.89 -4.59 -21.56
CA VAL B 90 6.58 -5.83 -21.90
C VAL B 90 6.25 -6.14 -23.36
N PRO B 91 7.19 -6.76 -24.09
CA PRO B 91 8.52 -7.16 -23.65
C PRO B 91 9.42 -5.95 -23.46
N ARG B 92 10.56 -6.17 -22.80
CA ARG B 92 11.52 -5.10 -22.53
C ARG B 92 11.84 -4.29 -23.78
N GLU B 93 12.06 -4.97 -24.90
CA GLU B 93 12.41 -4.29 -26.14
C GLU B 93 11.34 -3.29 -26.55
N ALA B 94 10.08 -3.69 -26.40
CA ALA B 94 8.99 -2.79 -26.68
C ALA B 94 8.96 -1.62 -25.67
N GLY B 95 9.21 -1.93 -24.40
CA GLY B 95 9.28 -0.93 -23.35
C GLY B 95 10.42 0.06 -23.48
N GLU B 96 11.53 -0.37 -24.06
CA GLU B 96 12.64 0.55 -24.31
C GLU B 96 12.34 1.46 -25.52
N ALA B 97 11.51 0.99 -26.44
CA ALA B 97 11.17 1.80 -27.63
C ALA B 97 10.01 2.76 -27.38
N TYR B 98 9.22 2.45 -26.36
CA TYR B 98 8.09 3.29 -25.95
C TYR B 98 8.55 4.71 -25.66
N ASP B 99 7.90 5.67 -26.31
CA ASP B 99 8.28 7.09 -26.19
C ASP B 99 7.00 7.93 -26.14
N MET B 100 6.40 7.97 -24.95
CA MET B 100 5.21 8.74 -24.69
C MET B 100 5.45 9.51 -23.41
N VAL B 101 4.79 10.65 -23.27
CA VAL B 101 5.03 11.58 -22.18
C VAL B 101 3.70 11.98 -21.58
N PRO B 102 3.58 11.97 -20.24
CA PRO B 102 4.65 11.77 -19.25
C PRO B 102 4.72 10.36 -18.67
N THR B 103 4.10 9.38 -19.33
CA THR B 103 4.14 8.01 -18.82
C THR B 103 5.51 7.41 -18.73
N LYS B 104 6.47 7.89 -19.52
CA LYS B 104 7.83 7.36 -19.43
C LYS B 104 8.67 8.04 -18.35
N LEU B 105 8.12 9.08 -17.71
CA LEU B 105 8.87 9.88 -16.74
C LEU B 105 8.53 9.55 -15.30
N ASP B 106 9.54 9.67 -14.43
CA ASP B 106 9.32 9.63 -13.01
C ASP B 106 9.35 11.05 -12.47
N PRO B 107 8.72 11.28 -11.31
CA PRO B 107 8.95 12.56 -10.64
C PRO B 107 10.42 12.70 -10.29
N PRO B 108 10.98 13.92 -10.36
CA PRO B 108 10.31 15.21 -10.64
C PRO B 108 10.11 15.57 -12.11
N GLU B 109 10.73 14.87 -13.06
CA GLU B 109 10.59 15.21 -14.48
C GLU B 109 9.13 15.12 -14.91
N HIS B 110 8.43 14.15 -14.33
CA HIS B 110 7.03 13.90 -14.64
C HIS B 110 6.14 15.08 -14.29
N THR B 111 6.46 15.76 -13.20
CA THR B 111 5.50 16.68 -12.57
C THR B 111 4.99 17.84 -13.44
N PRO B 112 5.90 18.63 -14.05
CA PRO B 112 5.37 19.74 -14.86
C PRO B 112 4.58 19.29 -16.10
N TYR B 113 4.92 18.13 -16.65
CA TYR B 113 4.13 17.56 -17.76
C TYR B 113 2.75 17.11 -17.33
N ARG B 114 2.63 16.48 -16.16
CA ARG B 114 1.30 16.13 -15.67
C ARG B 114 0.48 17.39 -15.36
N LYS B 115 1.12 18.42 -14.83
CA LYS B 115 0.42 19.67 -14.57
C LYS B 115 -0.14 20.26 -15.85
N ALA B 116 0.64 20.18 -16.93
CA ALA B 116 0.20 20.67 -18.24
C ALA B 116 -1.05 19.92 -18.70
N ILE B 117 -0.99 18.58 -18.62
CA ILE B 117 -2.12 17.76 -19.02
C ILE B 117 -3.36 18.07 -18.18
N ASP B 118 -3.18 18.20 -16.87
CA ASP B 118 -4.30 18.52 -15.99
C ASP B 118 -4.98 19.85 -16.32
N LYS B 119 -4.23 20.79 -16.90
CA LYS B 119 -4.85 22.07 -17.31
C LYS B 119 -5.95 21.84 -18.34
N GLY B 120 -5.82 20.79 -19.15
CA GLY B 120 -6.83 20.42 -20.12
C GLY B 120 -7.86 19.40 -19.66
N LEU B 121 -7.46 18.46 -18.80
CA LEU B 121 -8.31 17.29 -18.50
C LEU B 121 -8.88 17.29 -17.07
N ASN B 122 -8.66 18.37 -16.33
CA ASN B 122 -9.20 18.45 -14.97
C ASN B 122 -10.72 18.39 -14.97
N LEU B 123 -11.28 18.02 -13.83
CA LEU B 123 -12.72 17.80 -13.73
C LEU B 123 -13.57 19.00 -14.18
N ALA B 124 -13.18 20.20 -13.79
CA ALA B 124 -13.95 21.39 -14.16
C ALA B 124 -13.96 21.57 -15.67
N GLU B 125 -12.84 21.27 -16.30
CA GLU B 125 -12.77 21.37 -17.76
C GLU B 125 -13.64 20.31 -18.41
N ILE B 126 -13.57 19.07 -17.91
CA ILE B 126 -14.36 17.98 -18.48
C ILE B 126 -15.85 18.24 -18.33
N ARG B 127 -16.26 18.84 -17.21
CA ARG B 127 -17.68 19.13 -16.99
C ARG B 127 -18.25 19.99 -18.09
N LYS B 128 -17.43 20.86 -18.67
CA LYS B 128 -17.88 21.74 -19.75
C LYS B 128 -18.30 20.98 -21.00
N LEU B 129 -17.83 19.73 -21.13
CA LEU B 129 -18.00 18.96 -22.35
C LEU B 129 -19.28 18.14 -22.37
N GLU B 130 -20.00 18.15 -21.25
CA GLU B 130 -21.12 17.23 -21.10
C GLU B 130 -22.16 17.33 -22.22
N ASP B 131 -22.58 18.55 -22.57
CA ASP B 131 -23.59 18.71 -23.61
C ASP B 131 -23.15 18.15 -24.95
N GLN B 132 -21.91 18.42 -25.31
CA GLN B 132 -21.35 17.96 -26.57
C GLN B 132 -21.26 16.45 -26.57
N ILE B 133 -20.82 15.88 -25.45
CA ILE B 133 -20.70 14.42 -25.35
C ILE B 133 -22.07 13.76 -25.47
N ARG B 134 -23.08 14.33 -24.84
CA ARG B 134 -24.45 13.80 -24.94
C ARG B 134 -24.93 13.88 -26.38
N THR B 135 -24.66 15.01 -27.02
CA THR B 135 -25.15 15.19 -28.38
C THR B 135 -24.55 14.16 -29.33
N ILE B 136 -23.28 13.86 -29.15
CA ILE B 136 -22.62 12.80 -29.93
C ILE B 136 -23.19 11.41 -29.65
N ALA B 137 -23.36 11.07 -28.37
CA ALA B 137 -23.92 9.77 -28.03
C ALA B 137 -25.27 9.57 -28.69
N VAL B 138 -26.10 10.60 -28.60
CA VAL B 138 -27.45 10.54 -29.13
C VAL B 138 -27.44 10.39 -30.64
N GLU B 139 -26.59 11.18 -31.30
CA GLU B 139 -26.45 11.11 -32.75
C GLU B 139 -26.26 9.67 -33.21
N ILE B 140 -25.40 8.97 -32.51
CA ILE B 140 -25.02 7.61 -32.87
C ILE B 140 -26.15 6.64 -32.53
N ILE B 141 -26.64 6.74 -31.30
CA ILE B 141 -27.69 5.83 -30.84
C ILE B 141 -28.95 5.91 -31.67
N GLU B 142 -29.33 7.12 -32.07
CA GLU B 142 -30.51 7.27 -32.90
C GLU B 142 -30.40 6.50 -34.20
N GLY B 143 -29.17 6.25 -34.65
CA GLY B 143 -28.95 5.60 -35.92
C GLY B 143 -29.46 4.17 -35.98
N PHE B 144 -29.52 3.51 -34.82
CA PHE B 144 -29.95 2.11 -34.77
C PHE B 144 -31.01 1.76 -33.73
N ALA B 145 -31.41 2.72 -32.90
CA ALA B 145 -32.33 2.42 -31.79
C ALA B 145 -33.63 1.79 -32.32
N ASP B 146 -34.13 2.30 -33.44
CA ASP B 146 -35.40 1.82 -33.99
C ASP B 146 -35.27 0.47 -34.68
N ARG B 147 -34.04 0.05 -34.94
CA ARG B 147 -33.77 -1.13 -35.74
C ARG B 147 -33.91 -2.44 -34.96
N GLY B 148 -33.66 -2.39 -33.66
CA GLY B 148 -33.81 -3.56 -32.82
C GLY B 148 -32.55 -4.43 -32.79
N HIS B 149 -31.46 -3.92 -33.35
CA HIS B 149 -30.20 -4.65 -33.34
C HIS B 149 -29.04 -3.76 -33.76
N CYS B 150 -27.84 -4.09 -33.27
CA CYS B 150 -26.64 -3.45 -33.71
C CYS B 150 -25.47 -4.32 -33.33
N GLU B 151 -24.37 -4.18 -34.06
CA GLU B 151 -23.13 -4.78 -33.63
C GLU B 151 -22.43 -3.68 -32.84
N PHE B 152 -22.49 -3.80 -31.53
CA PHE B 152 -22.16 -2.71 -30.62
C PHE B 152 -20.74 -2.20 -30.79
N GLY B 153 -19.83 -3.10 -31.16
CA GLY B 153 -18.44 -2.72 -31.39
C GLY B 153 -18.27 -1.76 -32.53
N SER B 154 -18.59 -2.21 -33.72
CA SER B 154 -18.42 -1.40 -34.91
C SER B 154 -19.36 -0.21 -34.95
N GLU B 155 -20.53 -0.33 -34.31
CA GLU B 155 -21.56 0.70 -34.47
C GLU B 155 -21.61 1.70 -33.31
N PHE B 156 -20.97 1.37 -32.20
CA PHE B 156 -20.96 2.28 -31.05
C PHE B 156 -19.65 2.41 -30.30
N SER B 157 -19.13 1.33 -29.72
CA SER B 157 -18.01 1.50 -28.79
C SER B 157 -16.74 1.96 -29.50
N THR B 158 -16.57 1.59 -30.77
CA THR B 158 -15.42 2.10 -31.56
C THR B 158 -15.69 3.47 -32.17
N VAL B 159 -16.90 3.99 -32.00
CA VAL B 159 -17.31 5.23 -32.67
C VAL B 159 -17.38 6.36 -31.65
N PHE B 160 -18.16 6.15 -30.59
CA PHE B 160 -18.49 7.20 -29.64
C PHE B 160 -17.27 7.86 -28.97
N PRO B 161 -16.40 7.06 -28.35
CA PRO B 161 -15.30 7.74 -27.64
C PRO B 161 -14.29 8.40 -28.59
N VAL B 162 -14.19 7.86 -29.79
CA VAL B 162 -13.31 8.39 -30.80
C VAL B 162 -13.85 9.74 -31.33
N ARG B 163 -15.15 9.78 -31.57
CA ARG B 163 -15.80 11.03 -31.98
C ARG B 163 -15.65 12.11 -30.91
N VAL B 164 -15.85 11.74 -29.65
CA VAL B 164 -15.68 12.68 -28.54
C VAL B 164 -14.26 13.20 -28.49
N PHE B 165 -13.29 12.29 -28.52
CA PHE B 165 -11.93 12.75 -28.30
C PHE B 165 -11.41 13.57 -29.46
N LEU B 166 -11.72 13.13 -30.67
CA LEU B 166 -11.24 13.89 -31.82
C LEU B 166 -11.90 15.26 -31.93
N ALA B 167 -13.17 15.36 -31.50
CA ALA B 167 -13.82 16.65 -31.45
C ALA B 167 -13.12 17.55 -30.42
N LEU B 168 -12.86 17.00 -29.24
CA LEU B 168 -12.15 17.69 -28.17
C LEU B 168 -10.77 18.16 -28.58
N ALA B 169 -10.07 17.32 -29.35
CA ALA B 169 -8.71 17.60 -29.79
C ALA B 169 -8.69 18.42 -31.06
N GLY B 170 -9.87 18.68 -31.64
CA GLY B 170 -9.95 19.44 -32.87
C GLY B 170 -9.29 18.79 -34.07
N LEU B 171 -9.47 17.47 -34.20
CA LEU B 171 -8.82 16.70 -35.26
C LEU B 171 -9.86 16.01 -36.13
N PRO B 172 -9.46 15.67 -37.38
CA PRO B 172 -10.42 15.04 -38.29
C PRO B 172 -10.88 13.64 -37.83
N VAL B 173 -12.20 13.44 -37.82
CA VAL B 173 -12.77 12.13 -37.49
C VAL B 173 -12.27 11.08 -38.48
N GLU B 174 -11.99 11.52 -39.70
CA GLU B 174 -11.49 10.65 -40.77
C GLU B 174 -10.21 9.95 -40.35
N ASP B 175 -9.51 10.50 -39.36
CA ASP B 175 -8.20 9.98 -38.97
C ASP B 175 -8.33 8.83 -37.97
N ALA B 176 -9.56 8.52 -37.57
CA ALA B 176 -9.79 7.52 -36.54
C ALA B 176 -9.18 6.18 -36.93
N THR B 177 -9.34 5.80 -38.19
CA THR B 177 -8.93 4.48 -38.62
C THR B 177 -7.43 4.31 -38.54
N LYS B 178 -6.68 5.25 -39.11
CA LYS B 178 -5.22 5.13 -39.09
C LYS B 178 -4.67 5.26 -37.67
N LEU B 179 -5.29 6.10 -36.85
CA LEU B 179 -4.89 6.22 -35.44
C LEU B 179 -5.17 4.93 -34.68
N GLY B 180 -6.29 4.29 -34.97
CA GLY B 180 -6.64 3.03 -34.31
C GLY B 180 -5.63 1.96 -34.65
N LEU B 181 -5.13 1.96 -35.88
CA LEU B 181 -4.17 0.96 -36.31
C LEU B 181 -2.86 1.17 -35.60
N LEU B 182 -2.49 2.44 -35.40
CA LEU B 182 -1.30 2.75 -34.64
C LEU B 182 -1.48 2.32 -33.19
N ALA B 183 -2.65 2.60 -32.62
CA ALA B 183 -2.88 2.26 -31.20
C ALA B 183 -2.80 0.75 -30.98
N ASN B 184 -3.37 -0.02 -31.90
CA ASN B 184 -3.31 -1.49 -31.83
C ASN B 184 -1.87 -2.02 -31.74
N GLU B 185 -0.97 -1.44 -32.53
CA GLU B 185 0.40 -1.91 -32.55
C GLU B 185 1.23 -1.39 -31.37
N MET B 186 0.73 -0.35 -30.70
CA MET B 186 1.29 0.07 -29.41
C MET B 186 0.92 -0.91 -28.29
N THR B 187 -0.37 -1.18 -28.16
CA THR B 187 -0.90 -1.90 -27.00
C THR B 187 -0.92 -3.41 -27.17
N ARG B 188 -1.02 -3.86 -28.42
CA ARG B 188 -0.96 -5.28 -28.74
C ARG B 188 -0.05 -5.50 -29.94
N PRO B 189 1.25 -5.19 -29.77
CA PRO B 189 2.15 -5.24 -30.91
C PRO B 189 2.25 -6.62 -31.54
N SER B 190 2.31 -6.64 -32.87
CA SER B 190 2.48 -7.89 -33.60
C SER B 190 3.88 -8.47 -33.38
N GLY B 191 3.98 -9.80 -33.44
CA GLY B 191 5.26 -10.46 -33.42
C GLY B 191 5.23 -11.71 -32.57
N ASN B 192 6.09 -12.68 -32.91
CA ASN B 192 6.19 -13.93 -32.17
C ASN B 192 7.45 -14.01 -31.32
N THR B 193 8.13 -12.87 -31.21
CA THR B 193 9.44 -12.77 -30.61
C THR B 193 9.49 -11.41 -29.89
N PRO B 194 10.20 -11.31 -28.74
CA PRO B 194 10.34 -9.99 -28.09
C PRO B 194 10.91 -8.93 -29.01
N GLU B 195 11.88 -9.34 -29.81
CA GLU B 195 12.46 -8.44 -30.81
C GLU B 195 11.42 -7.99 -31.85
N GLU B 196 10.59 -8.92 -32.32
CA GLU B 196 9.58 -8.57 -33.31
C GLU B 196 8.57 -7.62 -32.69
N GLN B 197 8.15 -7.92 -31.47
CA GLN B 197 7.22 -7.01 -30.79
C GLN B 197 7.80 -5.62 -30.54
N GLY B 198 9.09 -5.60 -30.21
CA GLY B 198 9.81 -4.34 -30.06
C GLY B 198 9.80 -3.50 -31.34
N ARG B 199 10.06 -4.14 -32.47
CA ARG B 199 10.05 -3.43 -33.73
C ARG B 199 8.66 -2.94 -34.09
N SER B 200 7.63 -3.73 -33.76
CA SER B 200 6.25 -3.30 -34.00
C SER B 200 5.85 -2.06 -33.22
N LEU B 201 6.16 -2.05 -31.94
CA LEU B 201 5.89 -0.89 -31.09
C LEU B 201 6.68 0.32 -31.60
N GLU B 202 7.96 0.11 -31.90
CA GLU B 202 8.82 1.17 -32.41
C GLU B 202 8.20 1.84 -33.65
N ALA B 203 7.69 1.02 -34.56
CA ALA B 203 7.09 1.53 -35.79
C ALA B 203 5.81 2.29 -35.52
N ALA B 204 5.02 1.80 -34.58
CA ALA B 204 3.76 2.44 -34.21
C ALA B 204 4.02 3.78 -33.53
N ASN B 205 5.01 3.83 -32.66
CA ASN B 205 5.36 5.05 -31.93
C ASN B 205 5.89 6.07 -32.93
N LYS B 206 6.66 5.60 -33.91
CA LYS B 206 7.15 6.49 -34.96
C LYS B 206 5.98 7.04 -35.78
N GLY B 207 4.98 6.19 -36.05
CA GLY B 207 3.81 6.62 -36.78
C GLY B 207 3.01 7.67 -36.02
N PHE B 208 2.89 7.52 -34.71
CA PHE B 208 2.26 8.55 -33.89
C PHE B 208 3.03 9.86 -34.00
N PHE B 209 4.36 9.79 -33.88
CA PHE B 209 5.19 11.00 -33.96
C PHE B 209 5.06 11.71 -35.30
N GLU B 210 4.91 10.93 -36.38
CA GLU B 210 4.78 11.52 -37.71
C GLU B 210 3.43 12.18 -37.88
N TYR B 211 2.40 11.61 -37.26
CA TYR B 211 1.08 12.21 -37.26
C TYR B 211 1.01 13.50 -36.45
N VAL B 212 1.65 13.51 -35.30
CA VAL B 212 1.55 14.60 -34.35
C VAL B 212 2.45 15.79 -34.67
N ALA B 213 3.56 15.55 -35.35
CA ALA B 213 4.51 16.64 -35.63
C ALA B 213 3.89 17.86 -36.33
N PRO B 214 3.13 17.66 -37.42
CA PRO B 214 2.55 18.85 -38.08
C PRO B 214 1.51 19.57 -37.22
N ILE B 215 0.83 18.83 -36.36
CA ILE B 215 -0.17 19.41 -35.46
C ILE B 215 0.53 20.32 -34.48
N ILE B 216 1.62 19.83 -33.90
CA ILE B 216 2.39 20.63 -32.96
C ILE B 216 2.90 21.90 -33.65
N ALA B 217 3.43 21.75 -34.85
CA ALA B 217 3.98 22.88 -35.59
C ALA B 217 2.87 23.90 -35.83
N ALA B 218 1.66 23.40 -36.06
CA ALA B 218 0.57 24.28 -36.45
C ALA B 218 -0.08 24.93 -35.24
N ARG B 219 0.13 24.35 -34.06
CA ARG B 219 -0.58 24.81 -32.86
C ARG B 219 0.32 25.37 -31.76
N ARG B 220 1.63 25.29 -31.93
CA ARG B 220 2.56 25.96 -31.01
C ARG B 220 2.24 27.45 -30.99
N GLY B 221 1.97 27.97 -29.81
CA GLY B 221 1.74 29.40 -29.64
C GLY B 221 0.42 29.85 -30.23
N GLY B 222 -0.45 28.90 -30.55
CA GLY B 222 -1.68 29.21 -31.24
C GLY B 222 -2.78 29.68 -30.32
N SER B 223 -3.86 30.14 -30.94
CA SER B 223 -5.01 30.70 -30.27
C SER B 223 -6.16 29.71 -30.18
N GLY B 224 -5.98 28.49 -30.65
CA GLY B 224 -7.03 27.49 -30.62
C GLY B 224 -7.46 27.17 -29.21
N THR B 225 -8.69 26.71 -29.07
CA THR B 225 -9.23 26.31 -27.77
C THR B 225 -9.37 24.79 -27.64
N ASP B 226 -8.88 24.06 -28.62
CA ASP B 226 -8.89 22.61 -28.56
C ASP B 226 -7.91 22.12 -27.48
N LEU B 227 -8.06 20.85 -27.11
CA LEU B 227 -7.31 20.28 -26.02
C LEU B 227 -5.82 20.34 -26.30
N ILE B 228 -5.44 20.07 -27.55
CA ILE B 228 -4.03 20.03 -27.89
C ILE B 228 -3.38 21.39 -27.73
N THR B 229 -3.92 22.47 -28.28
CA THR B 229 -3.16 23.72 -28.12
C THR B 229 -3.18 24.14 -26.65
N ARG B 230 -4.25 23.79 -25.93
CA ARG B 230 -4.34 24.15 -24.50
C ARG B 230 -3.22 23.53 -23.66
N ILE B 231 -2.96 22.24 -23.87
CA ILE B 231 -1.91 21.54 -23.13
C ILE B 231 -0.52 21.85 -23.69
N LEU B 232 -0.42 21.88 -25.01
CA LEU B 232 0.85 22.04 -25.69
C LEU B 232 1.52 23.35 -25.29
N ASN B 233 0.73 24.39 -25.05
CA ASN B 233 1.26 25.70 -24.75
C ASN B 233 1.39 26.07 -23.26
N VAL B 234 1.21 25.08 -22.38
CA VAL B 234 1.60 25.25 -20.98
C VAL B 234 3.13 25.24 -20.89
N GLU B 235 3.68 26.24 -20.22
CA GLU B 235 5.11 26.34 -20.06
C GLU B 235 5.65 25.26 -19.14
N ILE B 236 6.87 24.81 -19.46
CA ILE B 236 7.59 23.86 -18.63
C ILE B 236 8.85 24.59 -18.19
N ASP B 237 9.01 24.71 -16.87
CA ASP B 237 10.09 25.49 -16.28
C ASP B 237 10.21 26.85 -16.97
N GLY B 238 9.06 27.51 -17.14
CA GLY B 238 9.03 28.86 -17.67
C GLY B 238 9.29 29.04 -19.15
N LYS B 239 9.31 27.95 -19.92
CA LYS B 239 9.55 28.06 -21.37
C LYS B 239 8.65 27.09 -22.13
N PRO B 240 8.58 27.24 -23.47
CA PRO B 240 7.80 26.31 -24.29
C PRO B 240 8.36 24.91 -24.14
N MET B 241 7.51 23.91 -24.10
CA MET B 241 8.03 22.57 -23.92
C MET B 241 8.82 22.19 -25.17
N PRO B 242 9.91 21.40 -24.99
CA PRO B 242 10.77 20.95 -26.07
C PRO B 242 10.01 20.11 -27.08
N ASP B 243 10.48 20.08 -28.33
CA ASP B 243 9.80 19.31 -29.36
C ASP B 243 9.72 17.83 -29.03
N ASP B 244 10.80 17.25 -28.50
CA ASP B 244 10.78 15.81 -28.23
C ASP B 244 9.69 15.47 -27.20
N ARG B 245 9.60 16.27 -26.15
CA ARG B 245 8.57 16.07 -25.14
C ARG B 245 7.16 16.28 -25.74
N ALA B 246 7.02 17.29 -26.62
CA ALA B 246 5.72 17.57 -27.20
C ALA B 246 5.22 16.38 -28.07
N LEU B 247 6.13 15.76 -28.81
CA LEU B 247 5.77 14.64 -29.67
C LEU B 247 5.21 13.51 -28.81
N GLY B 248 5.91 13.24 -27.72
CA GLY B 248 5.47 12.19 -26.82
C GLY B 248 4.17 12.51 -26.10
N LEU B 249 3.98 13.79 -25.78
CA LEU B 249 2.80 14.20 -25.02
C LEU B 249 1.54 14.16 -25.87
N VAL B 250 1.60 14.76 -27.05
CA VAL B 250 0.42 14.77 -27.88
C VAL B 250 0.10 13.34 -28.33
N SER B 251 1.13 12.54 -28.59
CA SER B 251 0.90 11.16 -28.99
C SER B 251 0.19 10.41 -27.86
N LEU B 252 0.61 10.65 -26.63
CA LEU B 252 0.00 9.95 -25.49
C LEU B 252 -1.48 10.33 -25.35
N LEU B 253 -1.78 11.61 -25.55
CA LEU B 253 -3.16 12.06 -25.47
C LEU B 253 -4.01 11.27 -26.45
N LEU B 254 -3.51 11.09 -27.66
CA LEU B 254 -4.26 10.35 -28.66
C LEU B 254 -4.39 8.89 -28.29
N LEU B 255 -3.29 8.29 -27.86
CA LEU B 255 -3.33 6.87 -27.50
C LEU B 255 -4.33 6.63 -26.37
N GLY B 256 -4.21 7.39 -25.29
CA GLY B 256 -5.16 7.28 -24.18
C GLY B 256 -6.59 7.63 -24.53
N GLY B 257 -6.77 8.74 -25.24
CA GLY B 257 -8.08 9.31 -25.42
C GLY B 257 -8.98 8.50 -26.33
N LEU B 258 -8.39 7.70 -27.20
CA LEU B 258 -9.16 6.95 -28.15
C LEU B 258 -9.49 5.55 -27.63
N ASP B 259 -8.44 4.78 -27.49
CA ASP B 259 -8.52 3.38 -27.47
C ASP B 259 -9.07 2.76 -26.18
N THR B 260 -8.76 3.38 -25.07
CA THR B 260 -9.03 2.79 -23.76
CA THR B 260 -9.04 2.80 -23.76
C THR B 260 -10.54 2.71 -23.47
N VAL B 261 -11.25 3.80 -23.66
CA VAL B 261 -12.70 3.81 -23.43
C VAL B 261 -13.44 2.89 -24.38
N VAL B 262 -12.96 2.81 -25.62
CA VAL B 262 -13.56 1.94 -26.62
C VAL B 262 -13.64 0.54 -26.08
N ASN B 263 -12.55 0.09 -25.53
CA ASN B 263 -12.50 -1.29 -25.14
C ASN B 263 -13.22 -1.53 -23.80
N PHE B 264 -13.11 -0.58 -22.88
CA PHE B 264 -13.88 -0.62 -21.66
C PHE B 264 -15.37 -0.81 -21.95
N LEU B 265 -15.91 -0.01 -22.85
CA LEU B 265 -17.34 -0.06 -23.15
C LEU B 265 -17.76 -1.44 -23.68
N GLY B 266 -16.92 -2.06 -24.51
CA GLY B 266 -17.24 -3.40 -25.02
C GLY B 266 -17.41 -4.43 -23.90
N PHE B 267 -16.44 -4.49 -23.00
CA PHE B 267 -16.50 -5.43 -21.89
C PHE B 267 -17.70 -5.15 -20.99
N MET B 268 -17.95 -3.88 -20.71
CA MET B 268 -19.07 -3.48 -19.87
C MET B 268 -20.37 -3.92 -20.52
N MET B 269 -20.50 -3.66 -21.82
CA MET B 269 -21.78 -3.90 -22.48
C MET B 269 -22.08 -5.41 -22.62
N ILE B 270 -21.04 -6.22 -22.83
CA ILE B 270 -21.23 -7.67 -22.85
C ILE B 270 -21.82 -8.11 -21.53
N TYR B 271 -21.26 -7.63 -20.42
CA TYR B 271 -21.80 -7.95 -19.11
C TYR B 271 -23.26 -7.49 -18.98
N LEU B 272 -23.53 -6.23 -19.29
CA LEU B 272 -24.90 -5.72 -19.09
C LEU B 272 -25.92 -6.47 -19.95
N SER B 273 -25.50 -6.87 -21.14
CA SER B 273 -26.39 -7.60 -22.05
C SER B 273 -26.79 -8.98 -21.50
N ARG B 274 -26.03 -9.47 -20.53
CA ARG B 274 -26.27 -10.76 -19.91
C ARG B 274 -26.92 -10.63 -18.54
N HIS B 275 -27.10 -9.40 -18.10
CA HIS B 275 -27.59 -9.11 -16.75
C HIS B 275 -28.74 -8.12 -16.75
N PRO B 276 -29.92 -8.57 -17.24
CA PRO B 276 -31.05 -7.65 -17.40
C PRO B 276 -31.54 -7.05 -16.09
N GLU B 277 -31.30 -7.72 -14.96
CA GLU B 277 -31.77 -7.18 -13.69
C GLU B 277 -30.98 -5.93 -13.31
N THR B 278 -29.69 -5.91 -13.62
CA THR B 278 -28.91 -4.72 -13.27
C THR B 278 -29.13 -3.58 -14.28
N VAL B 279 -29.41 -3.94 -15.53
CA VAL B 279 -29.83 -2.95 -16.51
C VAL B 279 -31.14 -2.32 -16.05
N ALA B 280 -32.07 -3.14 -15.57
CA ALA B 280 -33.36 -2.63 -15.10
C ALA B 280 -33.17 -1.68 -13.93
N GLU B 281 -32.28 -2.03 -13.00
CA GLU B 281 -32.03 -1.16 -11.87
C GLU B 281 -31.47 0.19 -12.34
N MET B 282 -30.58 0.16 -13.31
CA MET B 282 -29.99 1.40 -13.85
C MET B 282 -31.05 2.27 -14.48
N ARG B 283 -31.93 1.63 -15.23
CA ARG B 283 -32.95 2.34 -16.00
C ARG B 283 -33.96 2.97 -15.06
N ARG B 284 -34.30 2.23 -14.00
CA ARG B 284 -35.38 2.65 -13.10
C ARG B 284 -34.92 3.66 -12.06
N GLU B 285 -33.63 3.66 -11.72
CA GLU B 285 -33.10 4.54 -10.68
C GLU B 285 -31.89 5.33 -11.18
N PRO B 286 -32.13 6.56 -11.67
CA PRO B 286 -31.05 7.37 -12.24
C PRO B 286 -29.86 7.54 -11.30
N LEU B 287 -30.11 7.59 -10.00
CA LEU B 287 -29.03 7.74 -9.02
C LEU B 287 -28.21 6.47 -8.90
N LYS B 288 -28.83 5.32 -9.10
CA LYS B 288 -28.08 4.06 -9.07
C LYS B 288 -27.15 3.97 -10.26
N LEU B 289 -27.62 4.44 -11.41
CA LEU B 289 -26.79 4.52 -12.60
C LEU B 289 -25.58 5.41 -12.33
N GLN B 290 -25.82 6.66 -11.94
CA GLN B 290 -24.74 7.63 -11.77
C GLN B 290 -23.72 7.17 -10.75
N ARG B 291 -24.22 6.72 -9.60
CA ARG B 291 -23.35 6.35 -8.50
C ARG B 291 -22.73 4.98 -8.71
N GLY B 292 -23.24 4.24 -9.71
CA GLY B 292 -22.75 2.91 -10.01
C GLY B 292 -21.69 2.84 -11.09
N VAL B 293 -21.39 3.95 -11.74
CA VAL B 293 -20.38 3.94 -12.78
C VAL B 293 -19.00 3.51 -12.25
N GLU B 294 -18.66 3.90 -11.04
CA GLU B 294 -17.34 3.54 -10.54
C GLU B 294 -17.21 2.03 -10.31
N GLU B 295 -18.32 1.39 -9.93
CA GLU B 295 -18.38 -0.07 -9.81
C GLU B 295 -18.06 -0.72 -11.16
N LEU B 296 -18.54 -0.13 -12.25
CA LEU B 296 -18.20 -0.65 -13.57
C LEU B 296 -16.70 -0.51 -13.83
N PHE B 297 -16.09 0.61 -13.44
CA PHE B 297 -14.64 0.72 -13.62
C PHE B 297 -13.88 -0.33 -12.79
N ARG B 298 -14.38 -0.64 -11.60
CA ARG B 298 -13.76 -1.69 -10.79
C ARG B 298 -13.81 -3.02 -11.54
N ARG B 299 -14.95 -3.28 -12.18
CA ARG B 299 -15.24 -4.59 -12.74
C ARG B 299 -14.60 -4.85 -14.11
N PHE B 300 -14.38 -3.80 -14.91
CA PHE B 300 -13.95 -3.95 -16.31
C PHE B 300 -12.62 -3.25 -16.61
N ALA B 301 -11.61 -3.56 -15.79
CA ALA B 301 -10.28 -3.05 -16.09
C ALA B 301 -9.77 -3.52 -17.45
N VAL B 302 -8.97 -2.69 -18.12
CA VAL B 302 -8.41 -3.07 -19.42
C VAL B 302 -6.89 -2.95 -19.55
N VAL B 303 -6.23 -2.24 -18.63
CA VAL B 303 -4.79 -2.02 -18.73
C VAL B 303 -3.97 -3.05 -17.92
N SER B 304 -2.92 -3.58 -18.55
CA SER B 304 -1.93 -4.41 -17.85
C SER B 304 -0.56 -3.90 -18.29
N ASP B 305 0.01 -2.98 -17.53
CA ASP B 305 1.32 -2.46 -17.89
C ASP B 305 2.31 -2.71 -16.77
N ALA B 306 3.50 -2.12 -16.85
CA ALA B 306 4.59 -2.59 -16.02
C ALA B 306 5.33 -1.47 -15.31
N ARG B 307 6.21 -1.89 -14.39
CA ARG B 307 7.20 -0.99 -13.78
C ARG B 307 8.53 -1.71 -13.72
N TYR B 308 9.57 -0.90 -13.53
CA TYR B 308 10.97 -1.34 -13.57
C TYR B 308 11.54 -1.30 -12.15
N VAL B 309 12.09 -2.41 -11.68
CA VAL B 309 12.65 -2.47 -10.35
C VAL B 309 13.94 -1.66 -10.25
N VAL B 310 13.93 -0.63 -9.40
CA VAL B 310 15.04 0.33 -9.36
C VAL B 310 16.31 -0.25 -8.73
N SER B 311 16.13 -1.08 -7.71
CA SER B 311 17.24 -1.65 -6.95
C SER B 311 16.94 -3.06 -6.55
N ASP B 312 17.98 -3.87 -6.39
CA ASP B 312 17.82 -5.19 -5.75
C ASP B 312 17.07 -5.00 -4.42
N MET B 313 16.10 -5.89 -4.18
CA MET B 313 15.23 -5.73 -3.03
C MET B 313 14.49 -7.05 -2.77
N GLU B 314 13.95 -7.17 -1.56
CA GLU B 314 12.97 -8.22 -1.28
C GLU B 314 11.63 -7.52 -1.17
N PHE B 315 10.63 -8.03 -1.90
CA PHE B 315 9.32 -7.40 -1.92
C PHE B 315 8.30 -8.50 -1.72
N HIS B 316 7.49 -8.41 -0.67
CA HIS B 316 6.49 -9.45 -0.40
C HIS B 316 7.09 -10.86 -0.50
N GLY B 317 8.21 -11.03 0.20
CA GLY B 317 8.89 -12.30 0.31
C GLY B 317 9.58 -12.80 -0.96
N THR B 318 9.77 -11.91 -1.93
CA THR B 318 10.24 -12.26 -3.26
C THR B 318 11.50 -11.47 -3.56
N MET B 319 12.55 -12.17 -3.96
CA MET B 319 13.80 -11.53 -4.31
C MET B 319 13.72 -10.96 -5.72
N LEU B 320 13.96 -9.66 -5.82
CA LEU B 320 13.92 -8.97 -7.10
C LEU B 320 15.28 -8.35 -7.36
N LYS B 321 15.61 -8.24 -8.64
CA LYS B 321 16.86 -7.60 -9.05
C LYS B 321 16.56 -6.33 -9.82
N GLU B 322 17.44 -5.35 -9.62
CA GLU B 322 17.45 -4.14 -10.43
C GLU B 322 17.26 -4.49 -11.92
N GLY B 323 16.31 -3.83 -12.56
CA GLY B 323 16.03 -4.06 -13.97
C GLY B 323 14.95 -5.08 -14.26
N ASP B 324 14.57 -5.88 -13.26
CA ASP B 324 13.41 -6.76 -13.43
C ASP B 324 12.17 -5.94 -13.80
N LEU B 325 11.32 -6.52 -14.62
CA LEU B 325 10.06 -5.84 -14.96
C LEU B 325 8.94 -6.58 -14.26
N ILE B 326 7.97 -5.83 -13.73
CA ILE B 326 6.80 -6.42 -13.13
C ILE B 326 5.54 -5.93 -13.84
N LEU B 327 4.78 -6.87 -14.38
CA LEU B 327 3.50 -6.56 -15.02
C LEU B 327 2.42 -6.45 -13.97
N LEU B 328 1.58 -5.44 -14.14
CA LEU B 328 0.52 -5.10 -13.21
C LEU B 328 -0.82 -5.24 -13.93
N PRO B 329 -1.41 -6.43 -13.88
CA PRO B 329 -2.71 -6.61 -14.55
C PRO B 329 -3.78 -5.99 -13.70
N THR B 330 -4.24 -4.80 -14.09
CA THR B 330 -5.05 -4.01 -13.17
C THR B 330 -6.37 -4.71 -12.82
N ALA B 331 -6.82 -5.64 -13.65
CA ALA B 331 -8.01 -6.43 -13.32
C ALA B 331 -7.84 -7.18 -12.00
N LEU B 332 -6.61 -7.52 -11.66
CA LEU B 332 -6.40 -8.31 -10.45
C LEU B 332 -6.43 -7.51 -9.15
N HIS B 333 -6.70 -6.22 -9.23
CA HIS B 333 -7.07 -5.46 -8.03
C HIS B 333 -8.59 -5.44 -7.89
N GLY B 334 -9.29 -4.82 -8.83
CA GLY B 334 -10.73 -4.74 -8.75
C GLY B 334 -11.43 -6.09 -8.60
N LEU B 335 -10.85 -7.15 -9.16
CA LEU B 335 -11.44 -8.49 -9.08
C LEU B 335 -10.86 -9.43 -7.98
N ASP B 336 -9.97 -8.92 -7.15
CA ASP B 336 -9.34 -9.69 -6.10
C ASP B 336 -10.35 -9.91 -5.00
N ASP B 337 -10.66 -11.16 -4.68
CA ASP B 337 -11.67 -11.41 -3.66
C ASP B 337 -11.21 -11.09 -2.22
N ARG B 338 -9.94 -10.72 -2.05
CA ARG B 338 -9.46 -10.17 -0.78
C ARG B 338 -9.91 -8.73 -0.59
N HIS B 339 -10.26 -8.08 -1.69
CA HIS B 339 -10.63 -6.67 -1.69
C HIS B 339 -12.12 -6.45 -1.89
N HIS B 340 -12.77 -7.40 -2.58
CA HIS B 340 -14.19 -7.31 -2.92
C HIS B 340 -14.86 -8.69 -2.88
N ASP B 341 -15.93 -8.82 -2.12
CA ASP B 341 -16.73 -10.04 -2.14
C ASP B 341 -17.44 -10.18 -3.49
N ASP B 342 -17.54 -11.42 -3.96
CA ASP B 342 -18.21 -11.70 -5.25
C ASP B 342 -17.74 -10.71 -6.32
N PRO B 343 -16.43 -10.68 -6.56
CA PRO B 343 -15.85 -9.62 -7.39
C PRO B 343 -16.34 -9.58 -8.82
N MET B 344 -16.78 -10.72 -9.36
CA MET B 344 -17.24 -10.75 -10.76
C MET B 344 -18.66 -10.21 -10.90
N THR B 345 -19.35 -9.98 -9.78
CA THR B 345 -20.68 -9.39 -9.85
C THR B 345 -20.64 -7.88 -9.78
N VAL B 346 -21.34 -7.25 -10.73
CA VAL B 346 -21.62 -5.84 -10.64
C VAL B 346 -22.72 -5.62 -9.62
N ASP B 347 -22.38 -4.89 -8.56
CA ASP B 347 -23.34 -4.48 -7.55
C ASP B 347 -23.36 -2.97 -7.52
N LEU B 348 -24.41 -2.35 -8.06
CA LEU B 348 -24.42 -0.90 -8.21
C LEU B 348 -24.36 -0.20 -6.87
N SER B 349 -24.78 -0.89 -5.82
CA SER B 349 -24.76 -0.37 -4.46
C SER B 349 -23.54 -0.82 -3.66
N ARG B 350 -22.57 -1.44 -4.31
CA ARG B 350 -21.35 -1.86 -3.61
C ARG B 350 -20.75 -0.67 -2.86
N ARG B 351 -20.51 -0.83 -1.56
CA ARG B 351 -20.10 0.28 -0.74
C ARG B 351 -18.68 0.73 -1.00
N ASP B 352 -17.79 -0.24 -1.22
CA ASP B 352 -16.39 0.04 -1.48
C ASP B 352 -16.07 -0.50 -2.86
N VAL B 353 -15.61 0.38 -3.75
CA VAL B 353 -15.33 -0.02 -5.12
C VAL B 353 -13.84 0.11 -5.45
N THR B 354 -13.01 0.24 -4.42
CA THR B 354 -11.58 0.54 -4.63
C THR B 354 -10.94 -0.34 -5.69
N HIS B 355 -10.25 0.29 -6.63
CA HIS B 355 -9.69 -0.45 -7.76
C HIS B 355 -8.50 0.29 -8.34
N SER B 356 -7.78 -0.37 -9.25
CA SER B 356 -6.62 0.25 -9.92
C SER B 356 -6.82 0.29 -11.44
N THR B 357 -8.06 0.39 -11.87
CA THR B 357 -8.36 0.51 -13.29
C THR B 357 -7.72 1.73 -13.90
N PHE B 358 -7.59 2.78 -13.11
CA PHE B 358 -6.87 3.99 -13.53
C PHE B 358 -5.46 4.05 -12.94
N ALA B 359 -4.96 2.91 -12.46
CA ALA B 359 -3.70 2.84 -11.74
C ALA B 359 -3.78 3.65 -10.46
N GLN B 360 -2.62 4.04 -9.94
CA GLN B 360 -2.52 4.79 -8.69
C GLN B 360 -1.23 5.60 -8.80
N GLY B 361 -1.03 6.49 -7.85
CA GLY B 361 0.21 7.23 -7.75
C GLY B 361 0.26 8.40 -8.71
N PRO B 362 1.48 8.88 -9.01
CA PRO B 362 1.56 10.13 -9.78
C PRO B 362 0.98 10.00 -11.18
N HIS B 363 1.02 8.81 -11.76
CA HIS B 363 0.53 8.60 -13.11
C HIS B 363 -0.95 8.21 -13.18
N ARG B 364 -1.64 8.19 -12.04
CA ARG B 364 -3.05 7.80 -12.04
C ARG B 364 -3.78 8.56 -13.15
N CYS B 365 -4.54 7.83 -13.94
CA CYS B 365 -5.04 8.30 -15.24
C CYS B 365 -5.49 9.75 -15.26
N ALA B 366 -4.86 10.56 -16.10
CA ALA B 366 -5.27 11.95 -16.25
C ALA B 366 -6.61 12.09 -16.94
N GLY B 367 -7.02 11.07 -17.67
CA GLY B 367 -8.28 11.07 -18.39
C GLY B 367 -9.46 10.54 -17.60
N MET B 368 -9.26 10.26 -16.31
CA MET B 368 -10.31 9.57 -15.55
C MET B 368 -11.62 10.31 -15.48
N HIS B 369 -11.59 11.64 -15.41
CA HIS B 369 -12.84 12.39 -15.36
C HIS B 369 -13.59 12.31 -16.66
N LEU B 370 -12.85 12.38 -17.76
CA LEU B 370 -13.44 12.27 -19.09
C LEU B 370 -14.01 10.86 -19.30
N ALA B 371 -13.27 9.84 -18.90
CA ALA B 371 -13.76 8.47 -18.99
C ALA B 371 -15.06 8.28 -18.22
N ARG B 372 -15.10 8.79 -17.00
CA ARG B 372 -16.30 8.68 -16.18
C ARG B 372 -17.50 9.35 -16.84
N LEU B 373 -17.27 10.54 -17.39
CA LEU B 373 -18.35 11.29 -18.00
C LEU B 373 -18.85 10.59 -19.26
N GLU B 374 -17.92 10.11 -20.08
CA GLU B 374 -18.29 9.38 -21.30
C GLU B 374 -19.16 8.16 -20.98
N VAL B 375 -18.77 7.40 -19.97
CA VAL B 375 -19.51 6.20 -19.61
C VAL B 375 -20.88 6.56 -19.03
N THR B 376 -20.93 7.56 -18.15
CA THR B 376 -22.19 7.99 -17.55
C THR B 376 -23.17 8.43 -18.63
N VAL B 377 -22.71 9.30 -19.51
CA VAL B 377 -23.57 9.81 -20.58
C VAL B 377 -24.02 8.69 -21.51
N MET B 378 -23.09 7.81 -21.87
CA MET B 378 -23.41 6.68 -22.73
C MET B 378 -24.57 5.88 -22.14
N LEU B 379 -24.46 5.52 -20.87
CA LEU B 379 -25.49 4.70 -20.23
C LEU B 379 -26.82 5.42 -20.18
N GLN B 380 -26.80 6.68 -19.79
CA GLN B 380 -28.02 7.46 -19.72
C GLN B 380 -28.74 7.54 -21.07
N GLU B 381 -27.99 7.88 -22.13
CA GLU B 381 -28.62 8.11 -23.42
C GLU B 381 -28.97 6.79 -24.10
N TRP B 382 -28.18 5.74 -23.82
CA TRP B 382 -28.52 4.42 -24.31
C TRP B 382 -29.84 3.94 -23.70
N LEU B 383 -29.91 3.96 -22.37
CA LEU B 383 -31.06 3.37 -21.67
C LEU B 383 -32.34 4.16 -21.92
N ALA B 384 -32.20 5.45 -22.22
CA ALA B 384 -33.35 6.27 -22.52
C ALA B 384 -34.03 5.80 -23.80
N ARG B 385 -33.27 5.14 -24.68
CA ARG B 385 -33.74 4.81 -26.02
C ARG B 385 -33.84 3.31 -26.30
N ILE B 386 -33.05 2.54 -25.56
CA ILE B 386 -32.90 1.10 -25.70
C ILE B 386 -32.83 0.55 -24.26
N PRO B 387 -33.97 0.58 -23.55
CA PRO B 387 -34.01 0.27 -22.12
C PRO B 387 -33.77 -1.20 -21.79
N GLU B 388 -34.02 -2.10 -22.75
CA GLU B 388 -33.74 -3.52 -22.56
C GLU B 388 -33.00 -4.02 -23.79
N PHE B 389 -32.07 -4.96 -23.59
CA PHE B 389 -31.33 -5.55 -24.70
C PHE B 389 -30.62 -6.81 -24.26
N ARG B 390 -30.18 -7.58 -25.24
CA ARG B 390 -29.50 -8.84 -24.96
C ARG B 390 -28.49 -9.14 -26.06
N LEU B 391 -27.56 -10.04 -25.73
CA LEU B 391 -26.61 -10.55 -26.70
C LEU B 391 -27.34 -11.54 -27.58
N LYS B 392 -27.10 -11.45 -28.89
CA LYS B 392 -27.69 -12.35 -29.86
C LYS B 392 -27.41 -13.81 -29.45
N ASP B 393 -28.32 -14.71 -29.79
CA ASP B 393 -28.15 -16.12 -29.43
C ASP B 393 -26.87 -16.70 -30.01
N ARG B 394 -26.14 -17.38 -29.14
CA ARG B 394 -24.93 -18.12 -29.51
C ARG B 394 -23.81 -17.24 -30.07
N ALA B 395 -23.98 -15.91 -30.00
CA ALA B 395 -22.90 -15.00 -30.35
C ALA B 395 -21.70 -15.19 -29.43
N VAL B 396 -20.50 -15.04 -29.99
CA VAL B 396 -19.28 -15.22 -29.22
C VAL B 396 -18.37 -14.07 -29.57
N PRO B 397 -18.14 -13.18 -28.59
CA PRO B 397 -17.18 -12.12 -28.80
C PRO B 397 -15.76 -12.67 -28.98
N ILE B 398 -14.92 -11.88 -29.61
CA ILE B 398 -13.52 -12.23 -29.77
C ILE B 398 -12.70 -11.32 -28.88
N TYR B 399 -11.93 -11.96 -28.00
CA TYR B 399 -11.16 -11.24 -26.98
C TYR B 399 -9.69 -11.18 -27.32
N HIS B 400 -9.08 -10.04 -27.00
CA HIS B 400 -7.67 -9.81 -27.18
C HIS B 400 -7.03 -9.35 -25.90
N SER B 401 -5.89 -9.95 -25.56
CA SER B 401 -5.15 -9.51 -24.39
C SER B 401 -3.84 -8.86 -24.81
N GLY B 402 -3.34 -8.00 -23.94
CA GLY B 402 -2.08 -7.31 -24.14
C GLY B 402 -1.91 -6.24 -23.09
N ILE B 403 -1.23 -5.17 -23.45
CA ILE B 403 -1.10 -4.05 -22.52
C ILE B 403 -2.45 -3.37 -22.33
N VAL B 404 -3.24 -3.31 -23.39
CA VAL B 404 -4.63 -2.93 -23.29
C VAL B 404 -5.47 -4.02 -23.93
N ALA B 405 -6.48 -4.47 -23.19
CA ALA B 405 -7.40 -5.49 -23.69
C ALA B 405 -8.35 -4.94 -24.73
N ALA B 406 -8.81 -5.81 -25.61
CA ALA B 406 -9.79 -5.42 -26.60
C ALA B 406 -10.80 -6.55 -26.81
N VAL B 407 -11.94 -6.17 -27.38
CA VAL B 407 -13.00 -7.13 -27.65
C VAL B 407 -13.77 -6.66 -28.87
N GLU B 408 -14.14 -7.60 -29.71
CA GLU B 408 -14.97 -7.31 -30.87
C GLU B 408 -16.08 -8.32 -31.02
N ASN B 409 -17.03 -7.99 -31.89
CA ASN B 409 -18.21 -8.80 -32.17
C ASN B 409 -19.17 -8.92 -31.00
N ILE B 410 -20.00 -7.90 -30.85
CA ILE B 410 -20.94 -7.81 -29.76
C ILE B 410 -22.30 -7.52 -30.37
N PRO B 411 -22.92 -8.54 -30.97
CA PRO B 411 -24.24 -8.34 -31.57
C PRO B 411 -25.35 -8.26 -30.53
N LEU B 412 -26.02 -7.11 -30.47
CA LEU B 412 -27.08 -6.87 -29.51
C LEU B 412 -28.42 -6.88 -30.20
N GLU B 413 -29.45 -7.31 -29.47
CA GLU B 413 -30.81 -7.38 -29.98
C GLU B 413 -31.79 -6.80 -28.98
N TRP B 414 -32.84 -6.14 -29.46
CA TRP B 414 -33.90 -5.68 -28.58
C TRP B 414 -35.20 -5.50 -29.36
N GLU B 415 -36.29 -5.29 -28.62
CA GLU B 415 -37.57 -4.92 -29.22
C GLU B 415 -37.61 -3.40 -29.26
N PRO B 416 -37.64 -2.82 -30.49
CA PRO B 416 -37.66 -1.35 -30.59
C PRO B 416 -38.85 -0.74 -29.83
N GLN B 417 -38.62 0.35 -29.11
CA GLN B 417 -39.69 0.97 -28.32
C GLN B 417 -40.28 2.19 -29.03
#